data_3EQ8
#
_entry.id   3EQ8
#
_cell.length_a   72.230
_cell.length_b   101.500
_cell.length_c   112.160
_cell.angle_alpha   90.00
_cell.angle_beta   90.00
_cell.angle_gamma   90.00
#
_symmetry.space_group_name_H-M   'P 21 21 21'
#
loop_
_entity.id
_entity.type
_entity.pdbx_description
1 polymer 'Prolyl endopeptidase'
2 non-polymer 1-{3-oxo-3-[(2S)-2-(pyrrolidin-1-ylcarbonyl)pyrrolidin-1-yl]propyl}-3-phenylquinoxalin-2(1H)-one
3 water water
#
_entity_poly.entity_id   1
_entity_poly.type   'polypeptide(L)'
_entity_poly.pdbx_seq_one_letter_code
;MLSFQYPDVYRDETAIQDYHGHKVCDPYAWLEDPDSEQTKAFVEAQNKITVPFLEQCPIRGLYKERMTELYDYPKYSCHF
KKGKRYFYFYNTGLQNQRVLYVQDSLEGEARVFLDPNILSDDGTVALRGYAFSEDGEYFAYGLSASGSDWVTIKFMKVDG
AKELPDVLERVKFSCMAWTHDGKGMFYNAYPQQDGKSDGTETSTNLHQKLYYHVLGTDQSEDILCAEFPDEPKWMGGAEL
SDDGRYVLLSIREGCDPVNRLWYCDLQQESNGITGILKWVKLIDNFEGEYDYVTNEGTVFTFKTNRHSPNYRLINIDFTD
PEESKWKVLVPEHEKDVLEWVACVRSNFLVLCYLHDVKNTLQLHDLATGALLKIFPLEVGSVVGYSGQKKDTEIFYQFTS
FLSPGIIYHCDLTKEELEPRVFREVTVKGIDASDYQTVQIFYPSKDGTKIPMFIVHKKGIKLDGSHPAFLYGYGGFNISI
TPNYSVSRLIFVRHMGGVLAVANIRGGGEYGETWHKGGILANKQNCFDDFQCAAEYLIKEGYTSPKRLTINGGSNGGLLV
ATCANQRPDLFGCVIAQVGVMDMLKFHKYTIGHAWTTDYGCSDSKQHFEWLIKYSPLHNVKLPEADDIQYPSMLLLTADH
DDRVVPLHSLKFIATLQYIVGRSRKQNNPLLIHVDTKAGHGAGKPTAKVIEEVSDMFAFIARCLNIDWIP
;
_entity_poly.pdbx_strand_id   A
#
# COMPACT_ATOMS: atom_id res chain seq x y z
N LEU A 2 -35.48 -4.63 2.72
CA LEU A 2 -34.66 -4.54 3.97
C LEU A 2 -35.48 -5.02 5.18
N SER A 3 -35.05 -6.13 5.75
CA SER A 3 -35.73 -6.69 6.92
C SER A 3 -35.30 -5.93 8.17
N PHE A 4 -34.37 -5.00 7.98
CA PHE A 4 -33.87 -4.17 9.07
C PHE A 4 -34.08 -2.70 8.75
N GLN A 5 -34.17 -1.87 9.78
CA GLN A 5 -34.38 -0.44 9.62
C GLN A 5 -33.10 0.27 10.01
N TYR A 6 -32.78 1.35 9.30
CA TYR A 6 -31.57 2.11 9.60
C TYR A 6 -31.76 2.95 10.85
N PRO A 7 -30.67 3.14 11.60
CA PRO A 7 -30.62 3.92 12.85
C PRO A 7 -31.03 5.38 12.68
N ASP A 8 -31.27 6.04 13.80
CA ASP A 8 -31.66 7.45 13.78
C ASP A 8 -30.37 8.19 14.07
N VAL A 9 -29.88 8.95 13.10
CA VAL A 9 -28.66 9.70 13.30
C VAL A 9 -28.99 11.18 13.38
N TYR A 10 -28.52 11.83 14.45
CA TYR A 10 -28.79 13.26 14.62
C TYR A 10 -28.14 14.06 13.50
N ARG A 11 -28.89 14.98 12.92
CA ARG A 11 -28.39 15.83 11.87
C ARG A 11 -28.20 17.21 12.47
N ASP A 12 -26.95 17.66 12.57
CA ASP A 12 -26.67 18.99 13.12
C ASP A 12 -26.76 19.98 11.98
N GLU A 13 -27.94 20.53 11.78
CA GLU A 13 -28.19 21.50 10.71
C GLU A 13 -27.56 22.87 10.95
N THR A 14 -26.82 23.02 12.04
CA THR A 14 -26.17 24.29 12.32
C THR A 14 -24.69 24.19 11.99
N ALA A 15 -24.27 23.02 11.53
CA ALA A 15 -22.87 22.80 11.21
C ALA A 15 -22.58 23.22 9.77
N ILE A 16 -22.52 24.53 9.54
CA ILE A 16 -22.26 25.07 8.23
C ILE A 16 -20.89 25.76 8.17
N GLN A 17 -20.19 25.58 7.07
CA GLN A 17 -18.87 26.14 6.87
C GLN A 17 -18.81 26.91 5.55
N ASP A 18 -17.95 27.93 5.48
CA ASP A 18 -17.82 28.74 4.28
C ASP A 18 -16.51 28.44 3.55
N TYR A 19 -16.61 27.94 2.33
CA TYR A 19 -15.42 27.61 1.53
C TYR A 19 -15.33 28.54 0.35
N HIS A 20 -14.64 29.66 0.52
CA HIS A 20 -14.49 30.64 -0.57
C HIS A 20 -15.90 30.95 -1.10
N GLY A 21 -16.72 31.57 -0.26
CA GLY A 21 -18.06 31.92 -0.70
C GLY A 21 -19.03 30.76 -0.76
N HIS A 22 -18.52 29.55 -0.90
CA HIS A 22 -19.39 28.37 -0.93
C HIS A 22 -19.64 27.86 0.49
N LYS A 23 -20.91 27.65 0.81
CA LYS A 23 -21.31 27.17 2.12
C LYS A 23 -21.74 25.71 2.04
N VAL A 24 -21.04 24.84 2.76
CA VAL A 24 -21.40 23.43 2.75
C VAL A 24 -21.84 22.96 4.14
N CYS A 25 -22.90 22.17 4.17
CA CYS A 25 -23.43 21.64 5.43
C CYS A 25 -22.93 20.22 5.66
N ASP A 26 -22.33 20.01 6.82
CA ASP A 26 -21.80 18.73 7.25
C ASP A 26 -22.47 18.45 8.61
N PRO A 27 -23.72 17.94 8.57
CA PRO A 27 -24.52 17.61 9.76
C PRO A 27 -24.06 16.43 10.60
N TYR A 28 -23.23 15.58 10.00
CA TYR A 28 -22.73 14.40 10.72
C TYR A 28 -21.30 14.64 11.18
N ALA A 29 -20.91 15.91 11.26
CA ALA A 29 -19.58 16.31 11.67
C ALA A 29 -19.23 16.01 13.11
N TRP A 30 -20.17 15.46 13.86
CA TRP A 30 -19.88 15.15 15.25
C TRP A 30 -19.20 13.79 15.32
N LEU A 31 -19.40 12.99 14.28
CA LEU A 31 -18.82 11.67 14.20
C LEU A 31 -17.31 11.78 14.11
N GLU A 32 -16.83 13.01 14.00
CA GLU A 32 -15.40 13.24 13.88
C GLU A 32 -14.74 12.99 15.23
N ASP A 33 -15.53 12.96 16.30
CA ASP A 33 -14.98 12.69 17.62
C ASP A 33 -15.18 11.18 17.82
N PRO A 34 -14.08 10.45 17.97
CA PRO A 34 -14.24 9.01 18.15
C PRO A 34 -14.58 8.53 19.55
N ASP A 35 -14.20 9.29 20.59
CA ASP A 35 -14.46 8.89 21.98
C ASP A 35 -15.80 9.32 22.55
N SER A 36 -16.58 10.05 21.78
CA SER A 36 -17.87 10.52 22.24
C SER A 36 -18.84 9.34 22.41
N GLU A 37 -19.83 9.54 23.27
CA GLU A 37 -20.84 8.53 23.52
C GLU A 37 -21.72 8.45 22.29
N GLN A 38 -21.86 9.59 21.62
CA GLN A 38 -22.66 9.69 20.42
C GLN A 38 -22.11 8.77 19.34
N THR A 39 -20.82 8.94 19.04
CA THR A 39 -20.16 8.14 18.03
C THR A 39 -20.12 6.66 18.38
N LYS A 40 -19.65 6.33 19.58
CA LYS A 40 -19.59 4.94 20.02
C LYS A 40 -20.95 4.26 19.82
N ALA A 41 -22.01 4.95 20.21
CA ALA A 41 -23.36 4.42 20.09
C ALA A 41 -23.77 4.31 18.61
N PHE A 42 -23.10 5.08 17.77
CA PHE A 42 -23.38 5.07 16.34
C PHE A 42 -22.75 3.82 15.72
N VAL A 43 -21.45 3.66 15.92
CA VAL A 43 -20.74 2.50 15.39
C VAL A 43 -21.46 1.22 15.78
N GLU A 44 -21.75 1.08 17.06
CA GLU A 44 -22.45 -0.08 17.58
C GLU A 44 -23.74 -0.27 16.80
N ALA A 45 -24.60 0.76 16.83
CA ALA A 45 -25.88 0.71 16.14
C ALA A 45 -25.77 0.16 14.72
N GLN A 46 -24.78 0.60 13.97
CA GLN A 46 -24.61 0.13 12.59
C GLN A 46 -24.17 -1.34 12.53
N ASN A 47 -23.25 -1.71 13.40
CA ASN A 47 -22.77 -3.08 13.43
C ASN A 47 -23.90 -4.02 13.84
N LYS A 48 -24.89 -3.47 14.55
CA LYS A 48 -26.01 -4.26 15.00
C LYS A 48 -26.88 -4.77 13.84
N ILE A 49 -26.87 -4.06 12.72
CA ILE A 49 -27.67 -4.48 11.58
C ILE A 49 -26.87 -5.14 10.46
N THR A 50 -25.55 -4.95 10.46
CA THR A 50 -24.71 -5.54 9.42
C THR A 50 -24.29 -6.97 9.70
N VAL A 51 -23.72 -7.20 10.89
CA VAL A 51 -23.29 -8.54 11.26
C VAL A 51 -24.37 -9.55 10.88
N PRO A 52 -25.58 -9.41 11.45
CA PRO A 52 -26.67 -10.34 11.14
C PRO A 52 -26.81 -10.51 9.64
N PHE A 53 -27.14 -9.41 8.96
CA PHE A 53 -27.30 -9.44 7.51
C PHE A 53 -26.24 -10.33 6.89
N LEU A 54 -24.98 -10.11 7.25
CA LEU A 54 -23.87 -10.90 6.71
C LEU A 54 -23.88 -12.36 7.15
N GLU A 55 -24.09 -12.58 8.45
CA GLU A 55 -24.11 -13.94 9.02
C GLU A 55 -25.37 -14.72 8.73
N GLN A 56 -26.36 -14.05 8.14
CA GLN A 56 -27.63 -14.71 7.82
C GLN A 56 -27.54 -15.47 6.51
N CYS A 57 -26.63 -15.05 5.63
CA CYS A 57 -26.46 -15.72 4.34
C CYS A 57 -25.62 -16.98 4.52
N PRO A 58 -26.20 -18.15 4.19
CA PRO A 58 -25.53 -19.45 4.30
C PRO A 58 -24.33 -19.65 3.39
N ILE A 59 -23.99 -18.63 2.61
CA ILE A 59 -22.86 -18.71 1.70
C ILE A 59 -21.58 -18.24 2.39
N ARG A 60 -21.74 -17.47 3.47
CA ARG A 60 -20.59 -16.97 4.21
C ARG A 60 -19.77 -18.11 4.78
N GLY A 61 -20.44 -19.03 5.47
CA GLY A 61 -19.75 -20.17 6.04
C GLY A 61 -19.18 -21.06 4.97
N LEU A 62 -19.83 -21.12 3.81
CA LEU A 62 -19.29 -21.94 2.74
C LEU A 62 -17.93 -21.30 2.44
N TYR A 63 -17.99 -20.05 2.00
CA TYR A 63 -16.79 -19.29 1.68
C TYR A 63 -15.75 -19.39 2.79
N LYS A 64 -16.08 -18.92 3.98
CA LYS A 64 -15.16 -18.96 5.12
C LYS A 64 -14.41 -20.27 5.27
N GLU A 65 -15.14 -21.37 5.23
CA GLU A 65 -14.53 -22.68 5.36
C GLU A 65 -13.64 -23.02 4.18
N ARG A 66 -14.12 -22.74 2.97
CA ARG A 66 -13.34 -23.02 1.76
C ARG A 66 -12.10 -22.16 1.69
N MET A 67 -12.23 -20.91 2.10
CA MET A 67 -11.07 -20.02 2.09
C MET A 67 -10.01 -20.61 3.01
N THR A 68 -10.43 -21.05 4.19
CA THR A 68 -9.50 -21.62 5.16
C THR A 68 -8.69 -22.78 4.60
N GLU A 69 -9.31 -23.55 3.71
CA GLU A 69 -8.66 -24.70 3.13
C GLU A 69 -7.71 -24.28 2.01
N LEU A 70 -8.23 -23.55 1.03
CA LEU A 70 -7.42 -23.09 -0.10
C LEU A 70 -6.33 -22.13 0.34
N TYR A 71 -6.56 -21.37 1.40
CA TYR A 71 -5.55 -20.43 1.88
C TYR A 71 -4.53 -21.09 2.80
N ASP A 72 -4.71 -22.37 3.05
CA ASP A 72 -3.80 -23.13 3.90
C ASP A 72 -2.65 -23.72 3.10
N TYR A 73 -1.69 -22.86 2.75
CA TYR A 73 -0.52 -23.29 1.99
C TYR A 73 0.70 -22.56 2.51
N PRO A 74 1.88 -23.19 2.40
CA PRO A 74 3.15 -22.61 2.86
C PRO A 74 3.52 -21.31 2.16
N LYS A 75 3.68 -20.25 2.95
CA LYS A 75 4.03 -18.95 2.39
C LYS A 75 5.40 -18.49 2.85
N TYR A 76 6.41 -18.57 1.99
CA TYR A 76 7.75 -18.13 2.37
C TYR A 76 8.10 -16.84 1.67
N SER A 77 9.13 -16.18 2.17
CA SER A 77 9.62 -14.96 1.58
C SER A 77 11.00 -15.29 1.03
N CYS A 78 11.67 -14.30 0.46
CA CYS A 78 13.00 -14.51 -0.08
C CYS A 78 13.98 -14.76 1.04
N HIS A 79 15.03 -15.51 0.72
CA HIS A 79 16.09 -15.78 1.68
C HIS A 79 16.98 -14.53 1.56
N PHE A 80 17.51 -14.04 2.67
CA PHE A 80 18.42 -12.91 2.61
C PHE A 80 19.51 -13.15 3.63
N LYS A 81 20.74 -12.79 3.29
CA LYS A 81 21.85 -13.00 4.19
C LYS A 81 22.27 -11.72 4.91
N LYS A 82 22.42 -11.82 6.22
CA LYS A 82 22.85 -10.71 7.03
C LYS A 82 24.01 -11.27 7.83
N GLY A 83 25.15 -10.61 7.75
CA GLY A 83 26.31 -11.11 8.45
C GLY A 83 26.67 -12.44 7.81
N LYS A 84 26.78 -13.48 8.62
CA LYS A 84 27.14 -14.79 8.11
C LYS A 84 25.96 -15.74 8.16
N ARG A 85 24.79 -15.21 8.49
CA ARG A 85 23.59 -16.02 8.57
C ARG A 85 22.58 -15.69 7.48
N TYR A 86 21.67 -16.63 7.24
CA TYR A 86 20.63 -16.47 6.24
C TYR A 86 19.33 -16.28 6.99
N PHE A 87 18.39 -15.56 6.40
CA PHE A 87 17.10 -15.33 7.06
C PHE A 87 15.98 -15.39 6.06
N TYR A 88 14.79 -15.70 6.54
CA TYR A 88 13.61 -15.75 5.69
C TYR A 88 12.33 -15.87 6.52
N PHE A 89 11.29 -15.16 6.10
CA PHE A 89 10.02 -15.24 6.79
C PHE A 89 9.30 -16.43 6.18
N TYR A 90 8.57 -17.16 7.02
CA TYR A 90 7.84 -18.34 6.57
C TYR A 90 6.55 -18.44 7.39
N ASN A 91 5.51 -18.95 6.74
CA ASN A 91 4.21 -19.11 7.39
C ASN A 91 3.69 -20.52 7.06
N THR A 92 3.72 -21.41 8.05
CA THR A 92 3.28 -22.79 7.83
C THR A 92 1.99 -22.88 7.04
N GLY A 93 1.20 -21.80 7.06
CA GLY A 93 -0.04 -21.80 6.32
C GLY A 93 -1.16 -20.91 6.84
N LEU A 94 -1.59 -21.17 8.07
CA LEU A 94 -2.68 -20.40 8.67
C LEU A 94 -2.23 -19.65 9.93
N GLN A 95 -0.95 -19.36 10.03
CA GLN A 95 -0.46 -18.64 11.19
C GLN A 95 -0.88 -17.19 11.02
N ASN A 96 -1.36 -16.59 12.10
CA ASN A 96 -1.81 -15.20 12.07
C ASN A 96 -0.77 -14.23 11.52
N GLN A 97 0.47 -14.41 11.95
CA GLN A 97 1.58 -13.56 11.53
C GLN A 97 2.71 -14.50 11.12
N ARG A 98 3.40 -14.19 10.02
CA ARG A 98 4.48 -15.05 9.57
C ARG A 98 5.68 -14.92 10.51
N VAL A 99 6.52 -15.96 10.55
CA VAL A 99 7.68 -16.02 11.43
C VAL A 99 9.02 -15.91 10.72
N LEU A 100 9.97 -15.26 11.37
CA LEU A 100 11.32 -15.04 10.83
C LEU A 100 12.27 -16.17 11.26
N TYR A 101 12.79 -16.90 10.28
CA TYR A 101 13.68 -18.02 10.57
C TYR A 101 15.14 -17.69 10.31
N VAL A 102 16.03 -18.41 10.97
CA VAL A 102 17.46 -18.16 10.85
C VAL A 102 18.23 -19.46 10.71
N GLN A 103 19.24 -19.45 9.85
CA GLN A 103 20.09 -20.62 9.63
C GLN A 103 21.50 -20.17 9.31
N ASP A 104 22.47 -20.85 9.91
CA ASP A 104 23.87 -20.53 9.70
C ASP A 104 24.35 -21.02 8.34
N SER A 105 23.47 -21.62 7.56
CA SER A 105 23.84 -22.10 6.24
C SER A 105 22.65 -22.52 5.42
N LEU A 106 22.67 -22.23 4.13
CA LEU A 106 21.58 -22.58 3.23
C LEU A 106 21.24 -24.07 3.31
N GLU A 107 22.10 -24.85 3.94
CA GLU A 107 21.89 -26.27 4.09
C GLU A 107 21.74 -26.61 5.57
N GLY A 108 21.92 -25.58 6.40
CA GLY A 108 21.80 -25.74 7.83
C GLY A 108 20.34 -25.94 8.21
N GLU A 109 20.08 -26.04 9.51
CA GLU A 109 18.72 -26.25 9.99
C GLU A 109 18.11 -24.97 10.55
N ALA A 110 17.16 -24.41 9.81
CA ALA A 110 16.49 -23.18 10.20
C ALA A 110 15.93 -23.26 11.62
N ARG A 111 15.83 -22.12 12.28
CA ARG A 111 15.29 -22.08 13.63
C ARG A 111 14.60 -20.75 13.90
N VAL A 112 13.44 -20.81 14.53
CA VAL A 112 12.68 -19.60 14.84
C VAL A 112 13.57 -18.51 15.43
N PHE A 113 13.47 -17.31 14.85
CA PHE A 113 14.23 -16.15 15.32
C PHE A 113 13.26 -15.17 15.97
N LEU A 114 12.14 -14.93 15.30
CA LEU A 114 11.15 -13.99 15.82
C LEU A 114 9.73 -14.38 15.44
N ASP A 115 8.98 -14.85 16.43
CA ASP A 115 7.59 -15.25 16.24
C ASP A 115 6.72 -14.21 16.93
N PRO A 116 6.13 -13.28 16.15
CA PRO A 116 5.27 -12.24 16.71
C PRO A 116 3.94 -12.81 17.19
N ASN A 117 3.71 -14.08 16.85
CA ASN A 117 2.47 -14.77 17.21
C ASN A 117 2.25 -14.94 18.70
N ILE A 118 3.33 -14.99 19.47
CA ILE A 118 3.21 -15.17 20.91
C ILE A 118 3.10 -13.86 21.68
N LEU A 119 2.94 -12.76 20.96
CA LEU A 119 2.83 -11.44 21.59
C LEU A 119 1.37 -11.05 21.77
N SER A 120 0.50 -11.73 21.04
CA SER A 120 -0.92 -11.44 21.12
C SER A 120 -1.75 -12.67 20.81
N ASP A 121 -2.70 -12.97 21.69
CA ASP A 121 -3.58 -14.12 21.52
C ASP A 121 -4.38 -14.04 20.23
N ASP A 122 -4.56 -12.84 19.69
CA ASP A 122 -5.33 -12.68 18.45
C ASP A 122 -4.51 -12.22 17.24
N GLY A 123 -3.20 -12.24 17.37
CA GLY A 123 -2.32 -11.85 16.28
C GLY A 123 -2.45 -10.42 15.81
N THR A 124 -2.80 -9.52 16.72
CA THR A 124 -2.96 -8.12 16.34
C THR A 124 -1.72 -7.29 16.64
N VAL A 125 -0.60 -7.96 16.87
CA VAL A 125 0.67 -7.29 17.12
C VAL A 125 1.50 -7.76 15.95
N ALA A 126 1.84 -6.83 15.06
CA ALA A 126 2.60 -7.21 13.88
C ALA A 126 3.97 -6.56 13.80
N LEU A 127 4.87 -7.17 13.04
CA LEU A 127 6.20 -6.62 12.86
C LEU A 127 6.07 -5.57 11.77
N ARG A 128 6.55 -4.36 12.02
CA ARG A 128 6.48 -3.30 11.03
C ARG A 128 7.84 -2.68 10.78
N GLY A 129 8.62 -3.32 9.90
CA GLY A 129 9.94 -2.83 9.57
C GLY A 129 11.03 -3.35 10.47
N TYR A 130 12.14 -3.75 9.88
CA TYR A 130 13.29 -4.26 10.63
C TYR A 130 14.58 -3.82 9.98
N ALA A 131 15.66 -3.80 10.75
CA ALA A 131 16.95 -3.39 10.22
C ALA A 131 18.11 -3.99 10.98
N PHE A 132 18.83 -4.88 10.31
CA PHE A 132 20.00 -5.53 10.87
C PHE A 132 21.17 -4.56 10.88
N SER A 133 22.23 -4.91 11.58
CA SER A 133 23.41 -4.07 11.62
C SER A 133 24.31 -4.54 10.48
N GLU A 134 25.32 -3.75 10.15
CA GLU A 134 26.21 -4.12 9.08
C GLU A 134 26.81 -5.50 9.31
N ASP A 135 27.15 -5.82 10.55
CA ASP A 135 27.75 -7.11 10.85
C ASP A 135 26.70 -8.20 11.05
N GLY A 136 25.43 -7.82 10.91
CA GLY A 136 24.35 -8.78 11.09
C GLY A 136 24.34 -9.34 12.50
N GLU A 137 25.04 -8.68 13.41
CA GLU A 137 25.09 -9.19 14.78
C GLU A 137 24.03 -8.59 15.68
N TYR A 138 23.47 -7.45 15.27
CA TYR A 138 22.41 -6.82 16.05
C TYR A 138 21.21 -6.54 15.17
N PHE A 139 20.02 -6.60 15.76
CA PHE A 139 18.80 -6.42 14.98
C PHE A 139 17.76 -5.58 15.71
N ALA A 140 17.14 -4.67 14.99
CA ALA A 140 16.12 -3.81 15.55
C ALA A 140 14.85 -3.95 14.73
N TYR A 141 13.72 -4.08 15.41
CA TYR A 141 12.44 -4.23 14.73
C TYR A 141 11.34 -3.40 15.34
N GLY A 142 10.37 -3.03 14.51
CA GLY A 142 9.26 -2.25 14.97
C GLY A 142 8.05 -3.13 15.12
N LEU A 143 7.22 -2.82 16.11
CA LEU A 143 6.00 -3.57 16.35
C LEU A 143 4.83 -2.62 16.33
N SER A 144 3.70 -3.07 15.81
CA SER A 144 2.48 -2.26 15.72
C SER A 144 1.38 -3.05 16.39
N ALA A 145 0.52 -2.37 17.15
CA ALA A 145 -0.60 -3.03 17.83
C ALA A 145 -1.92 -2.63 17.17
N SER A 146 -2.74 -3.62 16.85
CA SER A 146 -4.02 -3.36 16.22
C SER A 146 -3.92 -2.51 14.97
N GLY A 147 -3.18 -2.99 13.97
CA GLY A 147 -3.02 -2.27 12.72
C GLY A 147 -2.70 -0.79 12.79
N SER A 148 -2.28 -0.29 13.94
CA SER A 148 -1.94 1.12 14.06
C SER A 148 -0.60 1.42 13.40
N ASP A 149 -0.50 2.61 12.82
CA ASP A 149 0.72 3.05 12.14
C ASP A 149 1.83 3.32 13.14
N TRP A 150 1.46 3.69 14.35
CA TRP A 150 2.45 4.00 15.37
C TRP A 150 3.33 2.79 15.52
N VAL A 151 4.54 2.96 16.04
CA VAL A 151 5.46 1.85 16.20
C VAL A 151 6.40 1.97 17.41
N THR A 152 6.80 0.83 17.93
CA THR A 152 7.74 0.72 19.06
C THR A 152 8.91 -0.08 18.52
N ILE A 153 10.10 0.46 18.62
CA ILE A 153 11.27 -0.24 18.12
C ILE A 153 11.99 -0.94 19.26
N LYS A 154 12.16 -2.24 19.12
CA LYS A 154 12.84 -3.02 20.13
C LYS A 154 14.06 -3.58 19.45
N PHE A 155 15.03 -4.08 20.23
CA PHE A 155 16.25 -4.63 19.66
C PHE A 155 16.52 -6.05 20.13
N MET A 156 17.33 -6.78 19.36
CA MET A 156 17.65 -8.17 19.67
C MET A 156 19.08 -8.50 19.33
N LYS A 157 19.68 -9.41 20.08
CA LYS A 157 21.05 -9.83 19.77
C LYS A 157 20.88 -11.07 18.95
N VAL A 158 21.26 -10.97 17.68
CA VAL A 158 21.13 -12.08 16.74
C VAL A 158 21.60 -13.45 17.20
N ASP A 159 22.69 -13.48 17.98
CA ASP A 159 23.24 -14.74 18.47
C ASP A 159 22.62 -15.14 19.79
N GLY A 160 21.68 -16.08 19.73
CA GLY A 160 21.01 -16.52 20.95
C GLY A 160 19.72 -15.75 21.08
N ALA A 161 19.43 -14.96 20.06
CA ALA A 161 18.21 -14.16 20.04
C ALA A 161 17.96 -13.54 21.40
N LYS A 162 18.96 -12.88 21.96
CA LYS A 162 18.82 -12.24 23.25
C LYS A 162 18.11 -10.91 23.11
N GLU A 163 17.08 -10.69 23.90
CA GLU A 163 16.33 -9.44 23.83
C GLU A 163 16.96 -8.37 24.71
N LEU A 164 17.26 -7.22 24.10
CA LEU A 164 17.89 -6.10 24.78
C LEU A 164 16.88 -5.11 25.39
N PRO A 165 17.34 -4.34 26.38
CA PRO A 165 16.50 -3.35 27.07
C PRO A 165 16.06 -2.18 26.20
N ASP A 166 16.88 -1.83 25.22
CA ASP A 166 16.55 -0.73 24.34
C ASP A 166 15.12 -0.78 23.83
N VAL A 167 14.48 0.38 23.80
CA VAL A 167 13.10 0.51 23.33
C VAL A 167 12.85 1.97 22.91
N LEU A 168 12.24 2.16 21.74
CA LEU A 168 11.96 3.49 21.24
C LEU A 168 10.47 3.64 20.98
N GLU A 169 9.86 4.66 21.59
CA GLU A 169 8.43 4.92 21.44
C GLU A 169 8.18 6.19 20.63
N ARG A 170 6.90 6.45 20.36
CA ARG A 170 6.48 7.61 19.58
C ARG A 170 7.08 7.61 18.18
N VAL A 171 7.25 6.42 17.63
CA VAL A 171 7.83 6.26 16.30
C VAL A 171 6.75 6.04 15.25
N LYS A 172 6.91 6.68 14.10
CA LYS A 172 5.93 6.55 13.03
C LYS A 172 6.58 6.97 11.74
N PHE A 173 6.34 6.20 10.68
CA PHE A 173 6.91 6.53 9.39
C PHE A 173 8.41 6.74 9.55
N SER A 174 9.05 5.81 10.26
CA SER A 174 10.48 5.90 10.50
C SER A 174 11.38 5.02 9.65
N CYS A 175 12.63 5.47 9.61
CA CYS A 175 13.70 4.78 8.91
C CYS A 175 14.42 4.07 10.02
N MET A 176 15.26 3.12 9.64
CA MET A 176 16.03 2.36 10.61
C MET A 176 17.39 2.17 9.97
N ALA A 177 18.29 3.10 10.21
CA ALA A 177 19.63 3.06 9.63
C ALA A 177 20.73 2.92 10.66
N TRP A 178 21.35 1.77 10.71
CA TRP A 178 22.44 1.53 11.63
C TRP A 178 23.69 2.13 11.02
N THR A 179 24.55 2.74 11.84
CA THR A 179 25.82 3.26 11.34
C THR A 179 26.72 2.03 11.31
N HIS A 180 27.72 2.00 10.45
CA HIS A 180 28.57 0.83 10.36
C HIS A 180 29.50 0.58 11.55
N ASP A 181 29.71 1.58 12.39
CA ASP A 181 30.55 1.36 13.55
C ASP A 181 29.64 0.54 14.47
N GLY A 182 28.41 0.32 13.99
CA GLY A 182 27.41 -0.46 14.72
C GLY A 182 27.14 -0.04 16.15
N LYS A 183 27.28 1.24 16.44
CA LYS A 183 27.09 1.73 17.80
C LYS A 183 25.69 2.27 18.02
N GLY A 184 25.02 2.65 16.95
CA GLY A 184 23.68 3.18 17.06
C GLY A 184 22.93 3.15 15.75
N MET A 185 21.65 3.53 15.82
CA MET A 185 20.79 3.53 14.66
C MET A 185 20.03 4.85 14.50
N PHE A 186 19.73 5.20 13.26
CA PHE A 186 18.98 6.39 12.91
C PHE A 186 17.52 5.98 12.85
N TYR A 187 16.62 6.85 13.29
CA TYR A 187 15.21 6.54 13.26
C TYR A 187 14.45 7.86 13.47
N ASN A 188 13.18 7.93 13.05
CA ASN A 188 12.39 9.14 13.24
C ASN A 188 11.32 8.96 14.32
N ALA A 189 11.07 10.03 15.07
CA ALA A 189 10.06 10.02 16.12
C ALA A 189 9.24 11.29 16.03
N TYR A 190 8.12 11.32 16.72
CA TYR A 190 7.27 12.49 16.72
C TYR A 190 7.24 13.09 18.12
N PRO A 191 6.85 14.37 18.22
CA PRO A 191 6.79 15.07 19.52
C PRO A 191 5.69 14.51 20.41
N GLN A 192 5.82 14.76 21.71
CA GLN A 192 4.84 14.31 22.68
C GLN A 192 3.59 15.18 22.56
N GLN A 193 2.55 14.63 21.96
CA GLN A 193 1.29 15.36 21.80
C GLN A 193 0.31 14.98 22.90
N ASP A 194 -0.48 15.97 23.33
CA ASP A 194 -1.46 15.74 24.38
C ASP A 194 -2.62 14.89 23.88
N GLY A 195 -2.93 13.82 24.61
CA GLY A 195 -4.01 12.94 24.22
C GLY A 195 -3.56 11.52 23.96
N LYS A 196 -4.41 10.73 23.31
CA LYS A 196 -4.10 9.33 23.00
C LYS A 196 -3.15 9.23 21.82
N SER A 197 -2.48 8.09 21.70
CA SER A 197 -1.54 7.86 20.62
C SER A 197 -1.47 6.36 20.33
N ASP A 198 -2.65 5.75 20.17
CA ASP A 198 -2.77 4.33 19.92
C ASP A 198 -3.37 4.05 18.55
N GLY A 199 -3.63 5.11 17.79
CA GLY A 199 -4.22 4.92 16.48
C GLY A 199 -5.71 5.19 16.44
N THR A 200 -6.27 5.66 17.54
CA THR A 200 -7.69 5.97 17.59
C THR A 200 -7.87 7.49 17.56
N GLU A 201 -6.78 8.21 17.76
CA GLU A 201 -6.79 9.66 17.74
C GLU A 201 -6.80 10.16 16.28
N THR A 202 -7.25 11.38 16.06
CA THR A 202 -7.29 11.91 14.71
C THR A 202 -6.32 13.09 14.59
N SER A 203 -5.61 13.38 15.67
CA SER A 203 -4.65 14.47 15.70
C SER A 203 -3.69 14.45 14.50
N THR A 204 -3.23 15.63 14.13
CA THR A 204 -2.32 15.78 13.01
C THR A 204 -0.90 15.38 13.43
N ASN A 205 -0.12 14.92 12.45
CA ASN A 205 1.25 14.48 12.68
C ASN A 205 2.20 15.43 11.96
N LEU A 206 2.77 16.36 12.72
CA LEU A 206 3.71 17.31 12.16
C LEU A 206 4.97 17.38 13.00
N HIS A 207 6.03 17.95 12.44
CA HIS A 207 7.28 18.11 13.18
C HIS A 207 8.02 16.83 13.49
N GLN A 208 8.10 15.96 12.49
CA GLN A 208 8.82 14.71 12.65
C GLN A 208 10.31 15.02 12.69
N LYS A 209 11.03 14.37 13.59
CA LYS A 209 12.46 14.64 13.69
C LYS A 209 13.25 13.38 13.44
N LEU A 210 14.54 13.54 13.21
CA LEU A 210 15.44 12.42 12.98
C LEU A 210 16.38 12.36 14.17
N TYR A 211 16.34 11.26 14.92
CA TYR A 211 17.19 11.12 16.10
C TYR A 211 18.20 10.02 15.88
N TYR A 212 19.11 9.86 16.83
CA TYR A 212 20.13 8.81 16.78
C TYR A 212 20.14 8.06 18.12
N HIS A 213 19.91 6.75 18.08
CA HIS A 213 19.92 5.97 19.30
C HIS A 213 21.18 5.16 19.47
N VAL A 214 21.94 5.51 20.50
CA VAL A 214 23.15 4.81 20.83
C VAL A 214 22.65 3.57 21.55
N LEU A 215 23.13 2.40 21.12
CA LEU A 215 22.70 1.15 21.70
C LEU A 215 23.15 1.06 23.15
N GLY A 216 22.22 0.73 24.03
CA GLY A 216 22.53 0.61 25.45
C GLY A 216 22.18 1.82 26.28
N THR A 217 21.46 2.77 25.69
CA THR A 217 21.06 3.99 26.39
C THR A 217 19.55 4.17 26.37
N ASP A 218 19.06 5.18 27.07
CA ASP A 218 17.61 5.44 27.09
C ASP A 218 17.26 6.43 25.98
N GLN A 219 16.06 6.32 25.43
CA GLN A 219 15.62 7.21 24.37
C GLN A 219 15.68 8.68 24.77
N SER A 220 15.67 8.96 26.08
CA SER A 220 15.74 10.33 26.56
C SER A 220 17.05 10.92 26.11
N GLU A 221 18.02 10.06 25.86
CA GLU A 221 19.34 10.51 25.45
C GLU A 221 19.58 10.55 23.95
N ASP A 222 18.70 9.91 23.17
CA ASP A 222 18.87 9.91 21.72
C ASP A 222 19.30 11.29 21.24
N ILE A 223 20.16 11.34 20.22
CA ILE A 223 20.66 12.60 19.69
C ILE A 223 19.76 13.13 18.56
N LEU A 224 19.46 14.43 18.59
CA LEU A 224 18.64 15.04 17.55
C LEU A 224 19.58 15.47 16.43
N CYS A 225 19.45 14.81 15.28
CA CYS A 225 20.30 15.06 14.12
C CYS A 225 19.72 15.89 12.97
N ALA A 226 18.44 16.22 13.06
CA ALA A 226 17.82 16.99 12.00
C ALA A 226 16.37 17.34 12.32
N GLU A 227 15.99 18.57 12.01
CA GLU A 227 14.65 19.04 12.24
C GLU A 227 14.44 20.26 11.36
N PHE A 228 13.20 20.43 10.91
CA PHE A 228 12.82 21.52 10.03
C PHE A 228 11.64 22.27 10.67
N PRO A 229 11.89 22.90 11.82
CA PRO A 229 10.89 23.66 12.58
C PRO A 229 10.16 24.71 11.75
N ASP A 230 10.73 25.02 10.59
CA ASP A 230 10.14 25.99 9.69
C ASP A 230 9.15 25.29 8.77
N GLU A 231 9.41 24.02 8.48
CA GLU A 231 8.55 23.23 7.60
C GLU A 231 7.95 22.04 8.34
N PRO A 232 6.85 22.26 9.07
CA PRO A 232 6.15 21.24 9.85
C PRO A 232 5.83 19.92 9.13
N LYS A 233 5.51 20.00 7.84
CA LYS A 233 5.15 18.80 7.10
C LYS A 233 6.31 17.99 6.50
N TRP A 234 7.53 18.51 6.60
CA TRP A 234 8.69 17.79 6.04
C TRP A 234 9.04 16.56 6.83
N MET A 235 9.50 15.53 6.13
CA MET A 235 9.87 14.28 6.76
C MET A 235 11.22 13.80 6.22
N GLY A 236 12.26 13.88 7.04
CA GLY A 236 13.58 13.47 6.61
C GLY A 236 13.92 12.03 6.96
N GLY A 237 14.11 11.20 5.94
CA GLY A 237 14.46 9.82 6.18
C GLY A 237 15.94 9.71 5.90
N ALA A 238 16.65 8.80 6.57
CA ALA A 238 18.08 8.66 6.35
C ALA A 238 18.54 7.23 6.15
N GLU A 239 19.65 7.11 5.42
CA GLU A 239 20.27 5.83 5.16
C GLU A 239 21.77 6.09 5.04
N LEU A 240 22.58 5.03 5.17
CA LEU A 240 24.02 5.15 5.08
C LEU A 240 24.48 4.59 3.74
N SER A 241 25.46 5.26 3.13
CA SER A 241 25.99 4.80 1.86
C SER A 241 26.64 3.46 2.11
N ASP A 242 26.76 2.64 1.07
CA ASP A 242 27.34 1.31 1.18
C ASP A 242 28.60 1.27 2.03
N ASP A 243 29.57 2.12 1.71
CA ASP A 243 30.84 2.18 2.43
C ASP A 243 30.62 2.72 3.84
N GLY A 244 29.38 3.05 4.18
CA GLY A 244 29.08 3.54 5.51
C GLY A 244 29.75 4.84 5.91
N ARG A 245 30.30 5.58 4.95
CA ARG A 245 30.95 6.82 5.30
C ARG A 245 30.03 8.02 5.16
N TYR A 246 28.90 7.83 4.48
CA TYR A 246 27.97 8.91 4.25
C TYR A 246 26.54 8.68 4.73
N VAL A 247 25.95 9.70 5.36
CA VAL A 247 24.57 9.60 5.79
C VAL A 247 23.74 10.37 4.77
N LEU A 248 22.96 9.64 3.96
CA LEU A 248 22.13 10.27 2.95
C LEU A 248 20.75 10.61 3.52
N LEU A 249 20.36 11.87 3.41
CA LEU A 249 19.08 12.30 3.96
C LEU A 249 18.04 12.66 2.92
N SER A 250 17.00 11.85 2.82
CA SER A 250 15.91 12.13 1.88
C SER A 250 14.87 12.94 2.63
N ILE A 251 14.64 14.17 2.18
CA ILE A 251 13.66 15.02 2.83
C ILE A 251 12.45 15.00 1.92
N ARG A 252 11.28 14.78 2.51
CA ARG A 252 10.04 14.68 1.74
C ARG A 252 8.90 15.54 2.26
N GLU A 253 7.95 15.79 1.38
CA GLU A 253 6.76 16.57 1.70
C GLU A 253 5.69 16.10 0.73
N GLY A 254 4.75 15.30 1.23
CA GLY A 254 3.71 14.81 0.36
C GLY A 254 4.08 13.41 -0.10
N CYS A 255 3.28 12.84 -0.99
CA CYS A 255 3.53 11.50 -1.49
C CYS A 255 3.98 11.50 -2.94
N ASP A 256 4.64 12.58 -3.33
CA ASP A 256 5.11 12.71 -4.70
C ASP A 256 6.48 12.10 -4.88
N PRO A 257 6.75 11.58 -6.09
CA PRO A 257 8.03 10.96 -6.41
C PRO A 257 9.09 12.05 -6.56
N VAL A 258 9.28 12.82 -5.51
CA VAL A 258 10.29 13.87 -5.52
C VAL A 258 10.81 14.08 -4.11
N ASN A 259 12.10 14.39 -4.00
CA ASN A 259 12.69 14.60 -2.70
C ASN A 259 13.96 15.43 -2.77
N ARG A 260 14.28 16.08 -1.64
CA ARG A 260 15.49 16.87 -1.50
C ARG A 260 16.49 15.86 -1.00
N LEU A 261 17.77 16.09 -1.23
CA LEU A 261 18.77 15.12 -0.80
C LEU A 261 19.97 15.83 -0.20
N TRP A 262 20.12 15.73 1.11
CA TRP A 262 21.27 16.34 1.79
C TRP A 262 22.22 15.18 2.08
N TYR A 263 23.33 15.46 2.73
CA TYR A 263 24.27 14.40 3.05
C TYR A 263 25.28 14.87 4.07
N CYS A 264 25.87 13.92 4.78
CA CYS A 264 26.84 14.24 5.82
C CYS A 264 27.99 13.25 5.79
N ASP A 265 29.19 13.76 5.63
CA ASP A 265 30.39 12.93 5.61
C ASP A 265 30.72 12.63 7.07
N LEU A 266 30.35 11.45 7.54
CA LEU A 266 30.61 11.10 8.92
C LEU A 266 32.07 11.30 9.33
N GLN A 267 32.98 11.31 8.36
CA GLN A 267 34.39 11.51 8.67
C GLN A 267 34.69 13.00 8.88
N GLN A 268 33.70 13.85 8.62
CA GLN A 268 33.90 15.29 8.78
C GLN A 268 33.28 15.80 10.07
N GLU A 269 32.70 14.89 10.82
CA GLU A 269 32.09 15.24 12.10
C GLU A 269 33.25 15.20 13.08
N SER A 270 33.50 16.33 13.75
CA SER A 270 34.59 16.43 14.71
C SER A 270 34.63 15.36 15.80
N ASN A 271 33.48 14.99 16.36
CA ASN A 271 33.45 13.98 17.41
C ASN A 271 32.36 12.94 17.20
N GLY A 272 32.23 12.46 15.98
CA GLY A 272 31.21 11.47 15.70
C GLY A 272 29.87 12.17 15.68
N ILE A 273 28.83 11.47 16.13
CA ILE A 273 27.50 12.06 16.13
C ILE A 273 27.10 12.61 17.50
N THR A 274 27.14 13.93 17.63
CA THR A 274 26.79 14.58 18.88
C THR A 274 25.65 15.59 18.77
N GLY A 275 25.01 15.67 17.60
CA GLY A 275 23.91 16.59 17.42
C GLY A 275 23.64 16.89 15.96
N ILE A 276 23.04 18.05 15.67
CA ILE A 276 22.74 18.42 14.29
C ILE A 276 24.01 18.26 13.47
N LEU A 277 23.93 17.44 12.41
CA LEU A 277 25.08 17.17 11.57
C LEU A 277 25.39 18.25 10.53
N LYS A 278 26.64 18.26 10.03
CA LYS A 278 27.08 19.23 9.04
C LYS A 278 26.57 18.83 7.67
N TRP A 279 25.25 18.91 7.51
CA TRP A 279 24.58 18.57 6.25
C TRP A 279 25.03 19.41 5.08
N VAL A 280 25.19 18.77 3.92
CA VAL A 280 25.57 19.47 2.70
C VAL A 280 24.38 19.35 1.75
N LYS A 281 23.63 20.45 1.60
CA LYS A 281 22.46 20.46 0.73
C LYS A 281 22.84 20.18 -0.71
N LEU A 282 22.88 18.92 -1.08
CA LEU A 282 23.22 18.56 -2.44
C LEU A 282 22.07 18.99 -3.34
N ILE A 283 20.90 18.40 -3.12
CA ILE A 283 19.71 18.73 -3.90
C ILE A 283 18.71 19.41 -2.98
N ASP A 284 18.58 20.72 -3.10
CA ASP A 284 17.67 21.48 -2.25
C ASP A 284 16.38 21.90 -2.95
N ASN A 285 15.66 20.94 -3.51
CA ASN A 285 14.40 21.24 -4.20
C ASN A 285 13.59 19.98 -4.41
N PHE A 286 12.32 20.14 -4.73
CA PHE A 286 11.47 18.99 -4.95
C PHE A 286 11.11 18.78 -6.42
N GLU A 287 12.07 19.09 -7.29
CA GLU A 287 11.88 18.95 -8.72
C GLU A 287 11.87 17.49 -9.17
N GLY A 288 12.71 16.67 -8.54
CA GLY A 288 12.75 15.27 -8.89
C GLY A 288 13.06 14.40 -7.69
N GLU A 289 12.93 13.09 -7.88
CA GLU A 289 13.21 12.13 -6.84
C GLU A 289 14.62 11.62 -7.07
N TYR A 290 15.31 11.26 -5.98
CA TYR A 290 16.67 10.72 -6.06
C TYR A 290 16.72 9.52 -5.13
N ASP A 291 16.82 8.34 -5.74
CA ASP A 291 16.85 7.07 -5.01
C ASP A 291 18.25 6.46 -5.04
N TYR A 292 18.95 6.49 -3.91
CA TYR A 292 20.30 5.95 -3.79
C TYR A 292 20.37 4.48 -4.16
N VAL A 293 21.30 4.14 -5.05
CA VAL A 293 21.49 2.77 -5.50
C VAL A 293 22.81 2.22 -4.91
N THR A 294 23.91 2.89 -5.21
CA THR A 294 25.23 2.53 -4.70
C THR A 294 26.20 3.69 -4.93
N ASN A 295 27.44 3.54 -4.47
CA ASN A 295 28.43 4.60 -4.66
C ASN A 295 29.85 4.06 -4.64
N GLU A 296 30.69 4.59 -5.53
CA GLU A 296 32.09 4.19 -5.62
C GLU A 296 32.83 5.45 -5.25
N GLY A 297 33.39 5.51 -4.05
CA GLY A 297 34.08 6.73 -3.66
C GLY A 297 33.08 7.87 -3.60
N THR A 298 33.36 8.98 -4.30
CA THR A 298 32.45 10.13 -4.29
C THR A 298 31.45 10.16 -5.45
N VAL A 299 31.45 9.14 -6.28
CA VAL A 299 30.52 9.06 -7.38
C VAL A 299 29.32 8.24 -6.91
N PHE A 300 28.19 8.91 -6.69
CA PHE A 300 26.99 8.25 -6.22
C PHE A 300 26.07 8.00 -7.40
N THR A 301 25.50 6.81 -7.48
CA THR A 301 24.56 6.45 -8.55
C THR A 301 23.14 6.49 -7.94
N PHE A 302 22.22 7.20 -8.59
CA PHE A 302 20.83 7.32 -8.12
C PHE A 302 19.79 6.97 -9.20
N LYS A 303 18.61 6.54 -8.76
CA LYS A 303 17.48 6.27 -9.67
C LYS A 303 16.71 7.59 -9.57
N THR A 304 16.58 8.31 -10.66
CA THR A 304 15.88 9.59 -10.61
C THR A 304 14.80 9.70 -11.67
N ASN A 305 13.85 10.61 -11.47
CA ASN A 305 12.82 10.83 -12.46
C ASN A 305 12.87 12.28 -12.88
N ARG A 306 14.04 12.91 -12.68
CA ARG A 306 14.25 14.30 -13.03
C ARG A 306 14.38 14.35 -14.54
N HIS A 307 13.39 14.96 -15.19
CA HIS A 307 13.41 15.06 -16.65
C HIS A 307 13.29 13.67 -17.24
N SER A 308 12.88 12.71 -16.41
CA SER A 308 12.74 11.33 -16.83
C SER A 308 11.48 10.73 -16.21
N PRO A 309 10.32 11.05 -16.80
CA PRO A 309 9.03 10.54 -16.31
C PRO A 309 8.99 9.04 -16.09
N ASN A 310 9.88 8.33 -16.77
CA ASN A 310 9.94 6.88 -16.65
C ASN A 310 11.14 6.41 -15.86
N TYR A 311 11.86 7.35 -15.29
CA TYR A 311 13.04 7.07 -14.48
C TYR A 311 14.26 6.64 -15.25
N ARG A 312 15.41 6.77 -14.60
CA ARG A 312 16.68 6.43 -15.21
C ARG A 312 17.74 6.44 -14.14
N LEU A 313 18.97 6.07 -14.52
CA LEU A 313 20.11 6.02 -13.60
C LEU A 313 21.09 7.12 -13.98
N ILE A 314 21.58 7.81 -12.97
CA ILE A 314 22.50 8.92 -13.18
C ILE A 314 23.61 8.82 -12.16
N ASN A 315 24.70 9.52 -12.43
CA ASN A 315 25.83 9.51 -11.52
C ASN A 315 26.20 10.93 -11.15
N ILE A 316 26.41 11.15 -9.86
CA ILE A 316 26.80 12.45 -9.37
C ILE A 316 28.10 12.27 -8.63
N ASP A 317 28.98 13.25 -8.75
CA ASP A 317 30.23 13.22 -8.05
C ASP A 317 30.05 14.32 -7.03
N PHE A 318 30.13 13.98 -5.75
CA PHE A 318 29.96 14.97 -4.71
C PHE A 318 30.99 16.08 -4.86
N THR A 319 32.10 15.78 -5.55
CA THR A 319 33.15 16.76 -5.77
C THR A 319 32.85 17.66 -6.97
N ASP A 320 31.97 17.19 -7.86
CA ASP A 320 31.58 17.93 -9.06
C ASP A 320 30.05 17.87 -9.09
N PRO A 321 29.40 18.48 -8.08
CA PRO A 321 27.95 18.56 -7.86
C PRO A 321 27.04 19.17 -8.92
N GLU A 322 27.57 20.04 -9.78
CA GLU A 322 26.75 20.67 -10.82
C GLU A 322 25.92 19.71 -11.66
N GLU A 323 24.61 19.96 -11.75
CA GLU A 323 23.73 19.10 -12.54
C GLU A 323 24.33 18.90 -13.91
N SER A 324 24.90 19.97 -14.44
CA SER A 324 25.51 19.94 -15.76
C SER A 324 26.47 18.76 -15.92
N LYS A 325 27.32 18.53 -14.91
CA LYS A 325 28.30 17.45 -14.95
C LYS A 325 27.78 16.03 -14.70
N TRP A 326 26.51 15.89 -14.34
CA TRP A 326 25.98 14.56 -14.08
C TRP A 326 26.11 13.69 -15.32
N LYS A 327 26.24 12.39 -15.11
CA LYS A 327 26.35 11.45 -16.21
C LYS A 327 25.18 10.48 -16.13
N VAL A 328 24.68 10.08 -17.29
CA VAL A 328 23.56 9.16 -17.39
C VAL A 328 24.17 7.76 -17.56
N LEU A 329 23.83 6.85 -16.65
CA LEU A 329 24.33 5.48 -16.71
C LEU A 329 23.44 4.60 -17.57
N VAL A 330 22.14 4.63 -17.30
CA VAL A 330 21.15 3.84 -18.03
C VAL A 330 20.02 4.79 -18.41
N PRO A 331 20.03 5.27 -19.65
CA PRO A 331 19.02 6.20 -20.17
C PRO A 331 17.59 5.77 -19.86
N GLU A 332 16.70 6.74 -19.66
CA GLU A 332 15.31 6.41 -19.38
C GLU A 332 14.79 5.68 -20.59
N HIS A 333 13.81 4.81 -20.40
CA HIS A 333 13.23 4.06 -21.50
C HIS A 333 12.02 4.80 -22.04
N GLU A 334 11.73 4.60 -23.32
CA GLU A 334 10.61 5.29 -23.94
C GLU A 334 9.26 4.73 -23.52
N LYS A 335 9.22 3.53 -22.98
CA LYS A 335 7.94 2.95 -22.56
C LYS A 335 8.01 2.24 -21.22
N ASP A 336 9.16 1.70 -20.89
CA ASP A 336 9.32 0.97 -19.65
C ASP A 336 9.77 1.81 -18.45
N VAL A 337 9.04 1.65 -17.36
CA VAL A 337 9.29 2.33 -16.09
C VAL A 337 10.34 1.56 -15.31
N LEU A 338 11.34 2.25 -14.75
CA LEU A 338 12.37 1.59 -13.97
C LEU A 338 11.93 1.62 -12.51
N GLU A 339 11.23 0.57 -12.08
CA GLU A 339 10.71 0.48 -10.71
C GLU A 339 11.76 0.59 -9.61
N TRP A 340 12.61 -0.43 -9.46
CA TRP A 340 13.64 -0.39 -8.45
C TRP A 340 14.98 -0.87 -9.00
N VAL A 341 16.04 -0.61 -8.25
CA VAL A 341 17.39 -0.99 -8.64
C VAL A 341 18.16 -1.47 -7.43
N ALA A 342 18.99 -2.50 -7.63
CA ALA A 342 19.80 -3.03 -6.54
C ALA A 342 21.21 -3.27 -7.05
N CYS A 343 22.21 -3.08 -6.19
CA CYS A 343 23.59 -3.31 -6.59
C CYS A 343 24.04 -4.55 -5.84
N VAL A 344 24.51 -5.56 -6.58
CA VAL A 344 24.94 -6.81 -6.00
C VAL A 344 26.24 -7.31 -6.63
N ARG A 345 27.12 -7.87 -5.83
CA ARG A 345 28.40 -8.35 -6.33
C ARG A 345 29.25 -7.16 -6.79
N SER A 346 29.40 -6.20 -5.89
CA SER A 346 30.19 -5.00 -6.16
C SER A 346 29.88 -4.22 -7.43
N ASN A 347 29.94 -4.90 -8.57
CA ASN A 347 29.73 -4.21 -9.83
C ASN A 347 28.55 -4.63 -10.70
N PHE A 348 27.55 -5.25 -10.12
CA PHE A 348 26.38 -5.65 -10.90
C PHE A 348 25.19 -4.82 -10.46
N LEU A 349 24.30 -4.53 -11.40
CA LEU A 349 23.11 -3.77 -11.08
C LEU A 349 21.92 -4.59 -11.56
N VAL A 350 20.93 -4.73 -10.70
CA VAL A 350 19.72 -5.46 -11.03
C VAL A 350 18.64 -4.43 -11.27
N LEU A 351 18.20 -4.28 -12.52
CA LEU A 351 17.14 -3.34 -12.88
C LEU A 351 15.84 -4.12 -13.02
N CYS A 352 14.80 -3.63 -12.36
CA CYS A 352 13.51 -4.27 -12.42
C CYS A 352 12.57 -3.31 -13.13
N TYR A 353 12.20 -3.63 -14.36
CA TYR A 353 11.35 -2.77 -15.15
C TYR A 353 9.89 -3.20 -15.13
N LEU A 354 9.01 -2.27 -15.47
CA LEU A 354 7.59 -2.53 -15.55
C LEU A 354 7.26 -2.42 -17.04
N HIS A 355 6.93 -3.55 -17.66
CA HIS A 355 6.62 -3.58 -19.08
C HIS A 355 5.17 -3.96 -19.35
N ASP A 356 4.34 -2.95 -19.57
CA ASP A 356 2.92 -3.16 -19.83
C ASP A 356 2.32 -3.86 -18.64
N VAL A 357 2.65 -3.33 -17.47
CA VAL A 357 2.16 -3.85 -16.19
C VAL A 357 2.79 -5.17 -15.77
N LYS A 358 3.80 -5.62 -16.50
CA LYS A 358 4.46 -6.87 -16.16
C LYS A 358 5.87 -6.51 -15.73
N ASN A 359 6.48 -7.37 -14.93
CA ASN A 359 7.84 -7.13 -14.42
C ASN A 359 8.94 -7.87 -15.14
N THR A 360 10.01 -7.16 -15.50
CA THR A 360 11.14 -7.77 -16.17
C THR A 360 12.39 -7.50 -15.34
N LEU A 361 13.24 -8.51 -15.19
CA LEU A 361 14.48 -8.38 -14.42
C LEU A 361 15.71 -8.56 -15.29
N GLN A 362 16.60 -7.57 -15.28
CA GLN A 362 17.82 -7.65 -16.07
C GLN A 362 19.03 -7.23 -15.26
N LEU A 363 20.18 -7.77 -15.64
CA LEU A 363 21.45 -7.52 -14.98
C LEU A 363 22.28 -6.59 -15.84
N HIS A 364 22.69 -5.47 -15.27
CA HIS A 364 23.50 -4.49 -15.97
C HIS A 364 24.84 -4.29 -15.30
N ASP A 365 25.80 -3.78 -16.05
CA ASP A 365 27.13 -3.52 -15.52
C ASP A 365 27.15 -2.18 -14.80
N LEU A 366 27.73 -2.15 -13.61
CA LEU A 366 27.81 -0.92 -12.84
C LEU A 366 28.64 0.17 -13.52
N ALA A 367 29.83 -0.20 -13.98
CA ALA A 367 30.74 0.73 -14.63
C ALA A 367 30.20 1.39 -15.88
N THR A 368 29.66 0.59 -16.79
CA THR A 368 29.14 1.09 -18.06
C THR A 368 27.62 1.23 -18.15
N GLY A 369 26.89 0.30 -17.55
CA GLY A 369 25.45 0.35 -17.61
C GLY A 369 24.92 -0.66 -18.61
N ALA A 370 25.85 -1.25 -19.35
CA ALA A 370 25.54 -2.24 -20.37
C ALA A 370 24.63 -3.34 -19.83
N LEU A 371 23.75 -3.84 -20.67
CA LEU A 371 22.86 -4.92 -20.27
C LEU A 371 23.70 -6.16 -20.40
N LEU A 372 23.65 -7.03 -19.39
CA LEU A 372 24.42 -8.27 -19.39
C LEU A 372 23.50 -9.46 -19.58
N LYS A 373 22.60 -9.64 -18.63
CA LYS A 373 21.66 -10.74 -18.69
C LYS A 373 20.24 -10.28 -18.47
N ILE A 374 19.31 -11.03 -19.06
CA ILE A 374 17.90 -10.76 -18.95
C ILE A 374 17.29 -12.01 -18.34
N PHE A 375 16.86 -11.92 -17.09
CA PHE A 375 16.28 -13.06 -16.41
C PHE A 375 14.86 -13.33 -16.91
N PRO A 376 14.62 -14.54 -17.43
CA PRO A 376 13.33 -15.00 -17.97
C PRO A 376 12.23 -15.01 -16.92
N LEU A 377 11.12 -14.34 -17.23
CA LEU A 377 9.99 -14.27 -16.33
C LEU A 377 8.67 -14.37 -17.08
N GLU A 378 7.76 -15.21 -16.58
CA GLU A 378 6.46 -15.36 -17.19
C GLU A 378 5.74 -14.05 -16.91
N VAL A 379 4.43 -14.02 -17.09
CA VAL A 379 3.69 -12.79 -16.83
C VAL A 379 3.27 -12.69 -15.36
N GLY A 380 3.64 -11.57 -14.73
CA GLY A 380 3.31 -11.35 -13.34
C GLY A 380 4.29 -10.34 -12.76
N SER A 381 4.39 -10.30 -11.44
CA SER A 381 5.29 -9.35 -10.79
C SER A 381 6.38 -10.01 -9.97
N VAL A 382 7.36 -9.20 -9.60
CA VAL A 382 8.47 -9.64 -8.76
C VAL A 382 8.16 -9.01 -7.40
N VAL A 383 7.68 -9.87 -6.49
CA VAL A 383 7.26 -9.47 -5.14
C VAL A 383 8.33 -9.40 -4.06
N GLY A 384 9.49 -10.00 -4.33
CA GLY A 384 10.57 -9.99 -3.36
C GLY A 384 11.92 -10.11 -4.02
N TYR A 385 12.94 -9.58 -3.37
CA TYR A 385 14.29 -9.61 -3.89
C TYR A 385 15.27 -9.52 -2.75
N SER A 386 16.44 -10.11 -2.94
CA SER A 386 17.47 -10.10 -1.92
C SER A 386 18.84 -10.15 -2.59
N GLY A 387 19.69 -9.19 -2.24
CA GLY A 387 21.02 -9.12 -2.79
C GLY A 387 21.59 -7.75 -2.54
N GLN A 388 22.61 -7.65 -1.72
CA GLN A 388 23.24 -6.38 -1.42
C GLN A 388 24.60 -6.31 -2.13
N LYS A 389 25.24 -5.14 -2.09
CA LYS A 389 26.54 -4.97 -2.75
C LYS A 389 27.57 -6.03 -2.40
N LYS A 390 27.53 -6.55 -1.17
CA LYS A 390 28.49 -7.56 -0.75
C LYS A 390 28.09 -9.01 -1.05
N ASP A 391 26.82 -9.22 -1.40
CA ASP A 391 26.32 -10.57 -1.70
C ASP A 391 26.82 -11.04 -3.05
N THR A 392 26.91 -12.36 -3.21
CA THR A 392 27.39 -12.96 -4.45
C THR A 392 26.30 -13.84 -5.04
N GLU A 393 25.06 -13.52 -4.68
CA GLU A 393 23.91 -14.27 -5.17
C GLU A 393 22.63 -13.47 -4.92
N ILE A 394 21.62 -13.70 -5.74
CA ILE A 394 20.38 -12.99 -5.55
C ILE A 394 19.23 -13.96 -5.45
N PHE A 395 18.11 -13.44 -4.96
CA PHE A 395 16.90 -14.21 -4.80
C PHE A 395 15.79 -13.26 -5.18
N TYR A 396 14.72 -13.78 -5.78
CA TYR A 396 13.58 -12.97 -6.14
C TYR A 396 12.37 -13.87 -6.28
N GLN A 397 11.28 -13.46 -5.65
CA GLN A 397 10.05 -14.21 -5.68
C GLN A 397 9.18 -13.63 -6.78
N PHE A 398 8.60 -14.50 -7.59
CA PHE A 398 7.75 -14.08 -8.69
C PHE A 398 6.36 -14.60 -8.46
N THR A 399 5.38 -13.70 -8.55
CA THR A 399 3.98 -14.08 -8.37
C THR A 399 3.13 -13.67 -9.57
N SER A 400 1.94 -14.23 -9.66
CA SER A 400 1.03 -13.94 -10.76
C SER A 400 -0.41 -14.10 -10.29
N PHE A 401 -1.35 -14.18 -11.22
CA PHE A 401 -2.76 -14.31 -10.85
C PHE A 401 -3.07 -15.75 -10.45
N LEU A 402 -2.48 -16.71 -11.15
CA LEU A 402 -2.73 -18.13 -10.86
C LEU A 402 -1.46 -18.85 -10.42
N SER A 403 -0.51 -18.06 -9.91
CA SER A 403 0.77 -18.57 -9.45
C SER A 403 1.04 -18.05 -8.04
N PRO A 404 0.94 -18.93 -7.03
CA PRO A 404 1.15 -18.60 -5.62
C PRO A 404 2.52 -18.01 -5.31
N GLY A 405 3.46 -18.17 -6.23
CA GLY A 405 4.79 -17.63 -6.01
C GLY A 405 5.91 -18.61 -6.25
N ILE A 406 6.96 -18.15 -6.93
CA ILE A 406 8.12 -18.97 -7.23
C ILE A 406 9.38 -18.22 -6.82
N ILE A 407 10.19 -18.82 -5.96
CA ILE A 407 11.42 -18.19 -5.51
C ILE A 407 12.61 -18.70 -6.30
N TYR A 408 13.22 -17.83 -7.10
CA TYR A 408 14.36 -18.22 -7.90
C TYR A 408 15.65 -17.91 -7.17
N HIS A 409 16.75 -18.50 -7.63
CA HIS A 409 18.05 -18.27 -7.02
C HIS A 409 19.12 -18.20 -8.09
N CYS A 410 20.06 -17.29 -7.92
CA CYS A 410 21.12 -17.15 -8.90
C CYS A 410 22.48 -16.88 -8.27
N ASP A 411 23.43 -17.78 -8.53
CA ASP A 411 24.80 -17.67 -8.04
C ASP A 411 25.55 -16.78 -9.04
N LEU A 412 25.86 -15.55 -8.63
CA LEU A 412 26.53 -14.59 -9.50
C LEU A 412 28.04 -14.82 -9.70
N THR A 413 28.61 -15.75 -8.94
CA THR A 413 30.03 -16.06 -9.04
C THR A 413 30.24 -17.20 -10.04
N LYS A 414 29.38 -17.29 -11.04
CA LYS A 414 29.51 -18.35 -12.02
C LYS A 414 29.57 -17.80 -13.43
N GLU A 415 30.45 -18.39 -14.24
CA GLU A 415 30.60 -17.97 -15.62
C GLU A 415 29.23 -17.89 -16.27
N GLU A 416 28.47 -18.98 -16.18
CA GLU A 416 27.13 -19.02 -16.76
C GLU A 416 26.12 -18.60 -15.70
N LEU A 417 25.54 -17.42 -15.86
CA LEU A 417 24.56 -16.91 -14.91
C LEU A 417 23.23 -17.61 -15.10
N GLU A 418 23.19 -18.91 -14.81
CA GLU A 418 21.97 -19.71 -14.94
C GLU A 418 21.18 -19.70 -13.64
N PRO A 419 20.01 -19.04 -13.64
CA PRO A 419 19.17 -18.98 -12.44
C PRO A 419 18.36 -20.25 -12.28
N ARG A 420 18.32 -20.78 -11.07
CA ARG A 420 17.57 -22.00 -10.81
C ARG A 420 16.37 -21.72 -9.91
N VAL A 421 15.47 -22.68 -9.84
CA VAL A 421 14.27 -22.57 -9.02
C VAL A 421 14.65 -23.02 -7.61
N PHE A 422 14.43 -22.16 -6.63
CA PHE A 422 14.76 -22.51 -5.27
C PHE A 422 13.57 -23.16 -4.60
N ARG A 423 12.43 -22.48 -4.65
CA ARG A 423 11.22 -22.98 -4.02
C ARG A 423 10.00 -22.68 -4.86
N GLU A 424 9.11 -23.65 -4.96
CA GLU A 424 7.89 -23.47 -5.73
C GLU A 424 6.70 -23.93 -4.90
N VAL A 425 5.90 -22.97 -4.44
CA VAL A 425 4.74 -23.28 -3.65
C VAL A 425 3.52 -23.55 -4.53
N THR A 426 2.86 -24.67 -4.27
CA THR A 426 1.69 -25.07 -5.03
C THR A 426 0.45 -25.01 -4.14
N VAL A 427 -0.66 -24.62 -4.73
CA VAL A 427 -1.92 -24.55 -4.01
C VAL A 427 -2.85 -25.58 -4.63
N LYS A 428 -2.91 -26.75 -4.02
CA LYS A 428 -3.76 -27.83 -4.50
C LYS A 428 -5.21 -27.45 -4.24
N GLY A 429 -6.07 -27.75 -5.20
CA GLY A 429 -7.48 -27.42 -5.08
C GLY A 429 -7.83 -26.45 -6.18
N ILE A 430 -6.80 -25.82 -6.74
CA ILE A 430 -6.96 -24.87 -7.82
C ILE A 430 -6.12 -25.31 -9.00
N ASP A 431 -6.76 -25.41 -10.17
CA ASP A 431 -6.05 -25.84 -11.37
C ASP A 431 -5.80 -24.68 -12.31
N ALA A 432 -4.63 -24.06 -12.19
CA ALA A 432 -4.26 -22.94 -13.03
C ALA A 432 -4.62 -23.17 -14.50
N SER A 433 -4.55 -24.42 -14.93
CA SER A 433 -4.86 -24.75 -16.32
C SER A 433 -6.34 -24.61 -16.67
N ASP A 434 -7.17 -24.33 -15.68
CA ASP A 434 -8.61 -24.21 -15.91
C ASP A 434 -9.06 -22.76 -16.07
N TYR A 435 -8.17 -21.84 -15.72
CA TYR A 435 -8.48 -20.41 -15.83
C TYR A 435 -7.51 -19.80 -16.83
N GLN A 436 -7.85 -18.62 -17.34
CA GLN A 436 -7.00 -17.95 -18.31
C GLN A 436 -6.96 -16.46 -18.07
N THR A 437 -5.76 -15.90 -18.18
CA THR A 437 -5.55 -14.46 -18.00
C THR A 437 -5.46 -13.80 -19.38
N VAL A 438 -6.04 -12.61 -19.52
CA VAL A 438 -5.99 -11.87 -20.79
C VAL A 438 -5.83 -10.37 -20.51
N GLN A 439 -4.90 -9.74 -21.20
CA GLN A 439 -4.66 -8.31 -21.02
C GLN A 439 -5.15 -7.54 -22.22
N ILE A 440 -6.16 -6.71 -22.01
CA ILE A 440 -6.70 -5.93 -23.10
C ILE A 440 -6.51 -4.46 -22.76
N PHE A 441 -6.52 -3.62 -23.80
CA PHE A 441 -6.40 -2.19 -23.61
C PHE A 441 -7.70 -1.59 -24.11
N TYR A 442 -8.46 -0.97 -23.21
CA TYR A 442 -9.72 -0.36 -23.59
C TYR A 442 -9.55 1.15 -23.61
N PRO A 443 -10.32 1.84 -24.46
CA PRO A 443 -10.23 3.29 -24.55
C PRO A 443 -11.11 3.97 -23.52
N SER A 444 -10.62 5.07 -22.97
CA SER A 444 -11.34 5.83 -21.96
C SER A 444 -12.21 6.91 -22.60
N LYS A 445 -12.73 7.82 -21.77
CA LYS A 445 -13.58 8.89 -22.25
C LYS A 445 -12.87 9.84 -23.21
N ASP A 446 -11.59 10.10 -22.97
CA ASP A 446 -10.81 11.00 -23.82
C ASP A 446 -10.07 10.30 -24.95
N GLY A 447 -10.11 8.98 -24.96
CA GLY A 447 -9.43 8.26 -26.04
C GLY A 447 -8.12 7.63 -25.61
N THR A 448 -7.79 7.75 -24.34
CA THR A 448 -6.57 7.17 -23.81
C THR A 448 -6.84 5.69 -23.69
N LYS A 449 -5.80 4.88 -23.87
CA LYS A 449 -5.98 3.45 -23.75
C LYS A 449 -5.55 3.00 -22.37
N ILE A 450 -6.47 2.37 -21.66
CA ILE A 450 -6.19 1.89 -20.32
C ILE A 450 -6.14 0.38 -20.35
N PRO A 451 -5.07 -0.20 -19.78
CA PRO A 451 -4.86 -1.66 -19.71
C PRO A 451 -5.77 -2.28 -18.68
N MET A 452 -6.14 -3.53 -18.90
CA MET A 452 -6.99 -4.25 -17.97
C MET A 452 -6.60 -5.71 -17.99
N PHE A 453 -6.67 -6.34 -16.83
CA PHE A 453 -6.33 -7.75 -16.72
C PHE A 453 -7.65 -8.45 -16.50
N ILE A 454 -7.86 -9.57 -17.19
CA ILE A 454 -9.09 -10.31 -17.06
C ILE A 454 -8.77 -11.76 -16.75
N VAL A 455 -9.35 -12.28 -15.67
CA VAL A 455 -9.13 -13.67 -15.26
C VAL A 455 -10.47 -14.36 -15.13
N HIS A 456 -10.71 -15.38 -15.95
CA HIS A 456 -11.96 -16.11 -15.91
C HIS A 456 -11.76 -17.55 -16.35
N LYS A 457 -12.78 -18.38 -16.12
CA LYS A 457 -12.73 -19.79 -16.49
C LYS A 457 -12.59 -19.96 -18.01
N LYS A 458 -11.87 -21.01 -18.41
CA LYS A 458 -11.67 -21.28 -19.84
C LYS A 458 -12.96 -21.76 -20.47
N GLY A 459 -13.38 -21.13 -21.57
CA GLY A 459 -14.60 -21.55 -22.24
C GLY A 459 -15.91 -20.86 -21.89
N ILE A 460 -15.89 -19.89 -20.99
CA ILE A 460 -17.13 -19.20 -20.63
C ILE A 460 -17.68 -18.40 -21.81
N LYS A 461 -18.97 -18.56 -22.05
CA LYS A 461 -19.65 -17.86 -23.13
C LYS A 461 -19.93 -16.43 -22.69
N LEU A 462 -19.65 -15.47 -23.56
CA LEU A 462 -19.87 -14.07 -23.23
C LEU A 462 -21.31 -13.64 -23.51
N ASP A 463 -22.21 -13.95 -22.58
CA ASP A 463 -23.61 -13.58 -22.75
C ASP A 463 -24.02 -12.55 -21.72
N GLY A 464 -23.05 -11.99 -21.01
CA GLY A 464 -23.31 -10.99 -19.99
C GLY A 464 -24.03 -11.56 -18.78
N SER A 465 -23.88 -12.87 -18.57
CA SER A 465 -24.54 -13.56 -17.47
C SER A 465 -23.68 -13.89 -16.25
N HIS A 466 -22.40 -13.53 -16.28
CA HIS A 466 -21.54 -13.85 -15.14
C HIS A 466 -21.29 -12.68 -14.20
N PRO A 467 -21.15 -12.98 -12.90
CA PRO A 467 -20.90 -11.93 -11.92
C PRO A 467 -19.48 -11.46 -12.21
N ALA A 468 -19.23 -10.16 -12.05
CA ALA A 468 -17.91 -9.62 -12.33
C ALA A 468 -17.36 -8.81 -11.18
N PHE A 469 -16.09 -9.03 -10.88
CA PHE A 469 -15.42 -8.30 -9.80
C PHE A 469 -14.36 -7.37 -10.38
N LEU A 470 -14.67 -6.08 -10.44
CA LEU A 470 -13.72 -5.10 -10.99
C LEU A 470 -12.97 -4.35 -9.90
N TYR A 471 -11.64 -4.43 -9.97
CA TYR A 471 -10.77 -3.77 -8.98
C TYR A 471 -9.88 -2.68 -9.59
N GLY A 472 -9.70 -1.59 -8.84
CA GLY A 472 -8.87 -0.49 -9.28
C GLY A 472 -8.50 0.40 -8.09
N TYR A 473 -7.42 1.18 -8.22
CA TYR A 473 -6.94 2.09 -7.17
C TYR A 473 -6.82 3.51 -7.77
N GLY A 474 -5.86 3.69 -8.66
CA GLY A 474 -5.70 4.98 -9.33
C GLY A 474 -5.26 6.16 -8.49
N GLY A 475 -3.95 6.32 -8.33
CA GLY A 475 -3.43 7.42 -7.55
C GLY A 475 -2.12 7.10 -6.86
N PHE A 476 -1.46 8.14 -6.36
CA PHE A 476 -0.21 8.00 -5.64
C PHE A 476 0.87 7.17 -6.30
N ASN A 477 0.92 7.15 -7.63
CA ASN A 477 1.95 6.40 -8.33
C ASN A 477 1.96 4.91 -8.03
N ILE A 478 0.91 4.41 -7.40
CA ILE A 478 0.84 2.98 -7.08
C ILE A 478 0.44 2.17 -8.32
N SER A 479 1.25 1.16 -8.62
CA SER A 479 1.06 0.28 -9.75
C SER A 479 0.34 -0.99 -9.31
N ILE A 480 -0.80 -1.28 -9.92
CA ILE A 480 -1.57 -2.48 -9.59
C ILE A 480 -1.08 -3.56 -10.54
N THR A 481 -0.18 -4.41 -10.06
CA THR A 481 0.38 -5.49 -10.87
C THR A 481 -0.10 -6.87 -10.43
N PRO A 482 0.05 -7.88 -11.29
CA PRO A 482 -0.38 -9.25 -11.00
C PRO A 482 0.00 -9.78 -9.62
N ASN A 483 -0.96 -10.40 -8.95
CA ASN A 483 -0.72 -10.94 -7.63
C ASN A 483 -1.70 -12.06 -7.34
N TYR A 484 -1.30 -13.00 -6.48
CA TYR A 484 -2.14 -14.14 -6.12
C TYR A 484 -3.16 -13.80 -5.06
N SER A 485 -4.38 -14.29 -5.24
CA SER A 485 -5.47 -14.03 -4.31
C SER A 485 -6.45 -15.19 -4.30
N VAL A 486 -6.20 -16.17 -3.45
CA VAL A 486 -7.08 -17.33 -3.36
C VAL A 486 -8.52 -16.88 -3.21
N SER A 487 -8.74 -15.93 -2.31
CA SER A 487 -10.07 -15.39 -2.05
C SER A 487 -10.76 -14.86 -3.29
N ARG A 488 -9.98 -14.43 -4.28
CA ARG A 488 -10.56 -13.90 -5.50
C ARG A 488 -10.86 -15.05 -6.45
N LEU A 489 -9.97 -16.03 -6.47
CA LEU A 489 -10.12 -17.20 -7.32
C LEU A 489 -11.31 -18.05 -6.89
N ILE A 490 -11.68 -17.96 -5.61
CA ILE A 490 -12.81 -18.72 -5.12
C ILE A 490 -14.05 -18.12 -5.73
N PHE A 491 -13.97 -16.82 -5.96
CA PHE A 491 -15.05 -16.06 -6.56
C PHE A 491 -15.31 -16.61 -7.95
N VAL A 492 -14.23 -16.85 -8.69
CA VAL A 492 -14.30 -17.37 -10.04
C VAL A 492 -14.64 -18.86 -10.03
N ARG A 493 -14.21 -19.55 -8.99
CA ARG A 493 -14.46 -20.98 -8.89
C ARG A 493 -15.89 -21.29 -8.46
N HIS A 494 -16.14 -21.18 -7.15
CA HIS A 494 -17.45 -21.49 -6.60
C HIS A 494 -18.45 -20.33 -6.58
N MET A 495 -18.38 -19.48 -7.60
CA MET A 495 -19.27 -18.34 -7.74
C MET A 495 -19.34 -17.94 -9.21
N GLY A 496 -18.62 -18.70 -10.03
CA GLY A 496 -18.59 -18.48 -11.46
C GLY A 496 -18.43 -17.06 -11.96
N GLY A 497 -17.61 -16.26 -11.30
CA GLY A 497 -17.45 -14.89 -11.76
C GLY A 497 -16.17 -14.55 -12.50
N VAL A 498 -16.10 -13.31 -12.97
CA VAL A 498 -14.95 -12.82 -13.70
C VAL A 498 -14.20 -11.75 -12.90
N LEU A 499 -12.88 -11.87 -12.85
CA LEU A 499 -12.08 -10.91 -12.12
C LEU A 499 -11.46 -9.93 -13.11
N ALA A 500 -11.39 -8.66 -12.73
CA ALA A 500 -10.81 -7.66 -13.61
C ALA A 500 -10.13 -6.57 -12.79
N VAL A 501 -8.91 -6.23 -13.22
CA VAL A 501 -8.09 -5.19 -12.60
C VAL A 501 -7.79 -4.17 -13.68
N ALA A 502 -8.24 -2.94 -13.48
CA ALA A 502 -8.03 -1.87 -14.47
C ALA A 502 -6.95 -0.94 -13.97
N ASN A 503 -5.88 -0.84 -14.73
CA ASN A 503 -4.78 0.01 -14.37
C ASN A 503 -5.02 1.41 -14.88
N ILE A 504 -6.05 2.04 -14.31
CA ILE A 504 -6.46 3.38 -14.67
C ILE A 504 -5.41 4.43 -14.32
N ARG A 505 -5.58 5.64 -14.86
CA ARG A 505 -4.63 6.70 -14.60
C ARG A 505 -4.57 7.05 -13.13
N GLY A 506 -3.50 7.73 -12.72
CA GLY A 506 -3.32 8.08 -11.33
C GLY A 506 -2.24 7.21 -10.77
N GLY A 507 -2.00 6.09 -11.44
CA GLY A 507 -0.99 5.17 -11.00
C GLY A 507 0.32 5.46 -11.68
N GLY A 508 1.29 4.57 -11.48
CA GLY A 508 2.59 4.74 -12.09
C GLY A 508 2.90 3.61 -13.03
N GLU A 509 1.86 3.10 -13.70
CA GLU A 509 2.05 2.01 -14.65
C GLU A 509 2.82 2.48 -15.86
N TYR A 510 2.52 3.68 -16.33
CA TYR A 510 3.24 4.22 -17.48
C TYR A 510 3.96 5.51 -17.08
N GLY A 511 4.79 5.39 -16.04
CA GLY A 511 5.56 6.52 -15.58
C GLY A 511 4.72 7.58 -14.90
N GLU A 512 5.38 8.65 -14.45
CA GLU A 512 4.72 9.75 -13.77
C GLU A 512 3.69 10.41 -14.67
N THR A 513 3.95 10.44 -15.97
CA THR A 513 3.02 11.08 -16.88
C THR A 513 1.66 10.38 -16.77
N TRP A 514 1.67 9.21 -16.15
CA TRP A 514 0.46 8.40 -15.96
C TRP A 514 -0.12 8.77 -14.60
N HIS A 515 0.75 9.21 -13.71
CA HIS A 515 0.35 9.62 -12.37
C HIS A 515 -0.33 11.00 -12.45
N LYS A 516 0.33 11.94 -13.13
CA LYS A 516 -0.20 13.30 -13.29
C LYS A 516 -1.49 13.40 -14.12
N GLY A 517 -1.82 12.36 -14.87
CA GLY A 517 -3.03 12.39 -15.69
C GLY A 517 -4.24 11.89 -14.92
N GLY A 518 -4.08 11.76 -13.61
CA GLY A 518 -5.17 11.28 -12.78
C GLY A 518 -5.07 11.87 -11.40
N ILE A 519 -4.54 13.08 -11.30
CA ILE A 519 -4.41 13.74 -10.01
C ILE A 519 -4.72 15.22 -10.09
N LEU A 520 -4.94 15.83 -8.92
CA LEU A 520 -5.23 17.24 -8.84
C LEU A 520 -6.44 17.67 -9.69
N ALA A 521 -6.21 18.48 -10.71
CA ALA A 521 -7.28 18.94 -11.58
C ALA A 521 -7.81 17.91 -12.56
N ASN A 522 -7.11 16.79 -12.72
CA ASN A 522 -7.56 15.75 -13.64
C ASN A 522 -8.03 14.52 -12.89
N LYS A 523 -8.30 14.66 -11.61
CA LYS A 523 -8.71 13.49 -10.86
C LYS A 523 -9.91 12.84 -11.50
N GLN A 524 -10.73 13.61 -12.20
CA GLN A 524 -11.90 13.01 -12.82
C GLN A 524 -11.48 11.92 -13.76
N ASN A 525 -10.36 12.12 -14.44
CA ASN A 525 -9.86 11.14 -15.40
C ASN A 525 -9.84 9.75 -14.79
N CYS A 526 -9.47 9.66 -13.52
CA CYS A 526 -9.42 8.38 -12.81
C CYS A 526 -10.77 7.69 -12.88
N PHE A 527 -11.81 8.41 -12.46
CA PHE A 527 -13.17 7.90 -12.44
C PHE A 527 -13.66 7.51 -13.83
N ASP A 528 -13.41 8.37 -14.81
CA ASP A 528 -13.84 8.08 -16.17
C ASP A 528 -13.15 6.80 -16.64
N ASP A 529 -11.85 6.70 -16.40
CA ASP A 529 -11.09 5.53 -16.79
C ASP A 529 -11.77 4.29 -16.22
N PHE A 530 -12.00 4.31 -14.91
CA PHE A 530 -12.64 3.21 -14.23
C PHE A 530 -14.07 2.95 -14.71
N GLN A 531 -14.87 3.99 -14.90
CA GLN A 531 -16.22 3.77 -15.38
C GLN A 531 -16.18 3.05 -16.73
N CYS A 532 -15.34 3.55 -17.64
CA CYS A 532 -15.21 2.96 -18.97
C CYS A 532 -14.82 1.48 -18.88
N ALA A 533 -14.08 1.13 -17.84
CA ALA A 533 -13.65 -0.24 -17.62
C ALA A 533 -14.89 -1.12 -17.50
N ALA A 534 -15.83 -0.67 -16.67
CA ALA A 534 -17.08 -1.40 -16.47
C ALA A 534 -17.85 -1.46 -17.78
N GLU A 535 -18.03 -0.31 -18.43
CA GLU A 535 -18.74 -0.30 -19.70
C GLU A 535 -18.19 -1.41 -20.59
N TYR A 536 -16.87 -1.48 -20.68
CA TYR A 536 -16.22 -2.48 -21.49
C TYR A 536 -16.65 -3.91 -21.15
N LEU A 537 -16.61 -4.29 -19.87
CA LEU A 537 -17.00 -5.64 -19.46
C LEU A 537 -18.48 -5.90 -19.77
N ILE A 538 -19.27 -4.84 -19.72
CA ILE A 538 -20.69 -4.93 -19.98
C ILE A 538 -20.93 -5.09 -21.48
N LYS A 539 -20.27 -4.24 -22.28
CA LYS A 539 -20.43 -4.30 -23.73
C LYS A 539 -19.99 -5.64 -24.27
N GLU A 540 -18.74 -6.00 -23.96
CA GLU A 540 -18.18 -7.26 -24.43
C GLU A 540 -18.86 -8.46 -23.82
N GLY A 541 -19.98 -8.21 -23.15
CA GLY A 541 -20.76 -9.30 -22.55
C GLY A 541 -20.13 -10.13 -21.46
N TYR A 542 -19.10 -9.59 -20.80
CA TYR A 542 -18.45 -10.32 -19.71
C TYR A 542 -19.42 -10.44 -18.54
N THR A 543 -20.08 -9.33 -18.22
CA THR A 543 -21.04 -9.28 -17.13
C THR A 543 -22.16 -8.30 -17.41
N SER A 544 -22.83 -7.84 -16.36
CA SER A 544 -23.94 -6.89 -16.47
C SER A 544 -24.00 -5.92 -15.30
N PRO A 545 -24.61 -4.75 -15.51
CA PRO A 545 -24.71 -3.77 -14.43
C PRO A 545 -25.33 -4.36 -13.17
N LYS A 546 -26.26 -5.28 -13.34
CA LYS A 546 -26.95 -5.90 -12.21
C LYS A 546 -26.07 -6.87 -11.42
N ARG A 547 -25.12 -7.50 -12.09
CA ARG A 547 -24.23 -8.46 -11.41
C ARG A 547 -22.75 -8.10 -11.47
N LEU A 548 -22.46 -6.79 -11.38
CA LEU A 548 -21.08 -6.31 -11.42
C LEU A 548 -20.77 -5.64 -10.10
N THR A 549 -19.62 -6.00 -9.54
CA THR A 549 -19.17 -5.47 -8.26
C THR A 549 -17.85 -4.76 -8.42
N ILE A 550 -17.75 -3.56 -7.85
CA ILE A 550 -16.48 -2.84 -7.92
C ILE A 550 -15.94 -2.74 -6.50
N ASN A 551 -14.63 -2.94 -6.36
CA ASN A 551 -13.96 -2.92 -5.07
C ASN A 551 -12.82 -1.92 -5.08
N GLY A 552 -12.39 -1.49 -3.90
CA GLY A 552 -11.30 -0.56 -3.82
C GLY A 552 -11.01 -0.16 -2.39
N GLY A 553 -9.72 -0.10 -2.04
CA GLY A 553 -9.37 0.29 -0.70
C GLY A 553 -8.57 1.59 -0.67
N SER A 554 -8.68 2.33 0.43
CA SER A 554 -7.95 3.56 0.59
C SER A 554 -8.31 4.54 -0.54
N ASN A 555 -7.31 5.03 -1.25
CA ASN A 555 -7.57 5.95 -2.34
C ASN A 555 -8.45 5.21 -3.35
N GLY A 556 -8.42 3.89 -3.28
CA GLY A 556 -9.22 3.07 -4.18
C GLY A 556 -10.67 3.03 -3.76
N GLY A 557 -10.92 3.23 -2.47
CA GLY A 557 -12.28 3.25 -1.95
C GLY A 557 -12.93 4.55 -2.35
N LEU A 558 -12.12 5.59 -2.49
CA LEU A 558 -12.61 6.91 -2.90
C LEU A 558 -13.10 6.79 -4.33
N LEU A 559 -12.39 5.97 -5.10
CA LEU A 559 -12.68 5.71 -6.50
C LEU A 559 -14.06 5.12 -6.67
N VAL A 560 -14.30 3.98 -6.02
CA VAL A 560 -15.58 3.30 -6.10
C VAL A 560 -16.71 4.11 -5.48
N ALA A 561 -16.43 4.86 -4.43
CA ALA A 561 -17.44 5.68 -3.78
C ALA A 561 -17.97 6.75 -4.74
N THR A 562 -17.08 7.37 -5.51
CA THR A 562 -17.48 8.39 -6.47
C THR A 562 -18.18 7.73 -7.65
N CYS A 563 -17.61 6.63 -8.13
CA CYS A 563 -18.16 5.92 -9.26
C CYS A 563 -19.60 5.47 -9.01
N ALA A 564 -20.01 5.51 -7.75
CA ALA A 564 -21.38 5.11 -7.41
C ALA A 564 -22.23 6.37 -7.43
N ASN A 565 -21.67 7.46 -6.90
CA ASN A 565 -22.35 8.75 -6.88
C ASN A 565 -22.54 9.31 -8.29
N GLN A 566 -21.71 8.87 -9.22
CA GLN A 566 -21.77 9.37 -10.59
C GLN A 566 -22.47 8.47 -11.61
N ARG A 567 -22.51 7.18 -11.35
CA ARG A 567 -23.17 6.25 -12.26
C ARG A 567 -23.64 5.05 -11.45
N PRO A 568 -24.68 5.23 -10.66
CA PRO A 568 -25.18 4.12 -9.86
C PRO A 568 -25.93 3.10 -10.69
N ASP A 569 -26.10 3.40 -11.97
CA ASP A 569 -26.82 2.51 -12.88
C ASP A 569 -25.86 1.53 -13.54
N LEU A 570 -24.57 1.78 -13.35
CA LEU A 570 -23.55 0.95 -13.96
C LEU A 570 -23.09 -0.19 -13.05
N PHE A 571 -23.36 -0.07 -11.76
CA PHE A 571 -22.94 -1.08 -10.81
C PHE A 571 -24.10 -1.64 -10.01
N GLY A 572 -23.99 -2.91 -9.65
CA GLY A 572 -25.03 -3.56 -8.87
C GLY A 572 -24.61 -3.67 -7.41
N CYS A 573 -23.30 -3.80 -7.19
CA CYS A 573 -22.75 -3.92 -5.85
C CYS A 573 -21.52 -3.04 -5.72
N VAL A 574 -21.22 -2.60 -4.51
CA VAL A 574 -20.07 -1.74 -4.29
C VAL A 574 -19.50 -1.97 -2.91
N ILE A 575 -18.21 -2.27 -2.84
CA ILE A 575 -17.52 -2.53 -1.58
C ILE A 575 -16.32 -1.60 -1.41
N ALA A 576 -16.45 -0.58 -0.56
CA ALA A 576 -15.37 0.37 -0.33
C ALA A 576 -14.65 0.06 0.98
N GLN A 577 -13.35 -0.23 0.88
CA GLN A 577 -12.54 -0.55 2.04
C GLN A 577 -11.72 0.64 2.56
N VAL A 578 -11.73 0.84 3.87
CA VAL A 578 -11.02 1.98 4.46
C VAL A 578 -10.80 3.05 3.39
N GLY A 579 -11.86 3.77 3.02
CA GLY A 579 -11.72 4.79 2.00
C GLY A 579 -11.75 6.24 2.46
N VAL A 580 -11.28 7.13 1.59
CA VAL A 580 -11.28 8.57 1.88
C VAL A 580 -12.57 9.09 1.28
N MET A 581 -13.45 9.65 2.11
CA MET A 581 -14.73 10.15 1.61
C MET A 581 -14.90 11.66 1.75
N ASP A 582 -14.33 12.23 2.80
CA ASP A 582 -14.45 13.66 2.98
C ASP A 582 -13.25 14.36 2.35
N MET A 583 -13.42 14.73 1.08
CA MET A 583 -12.38 15.38 0.31
C MET A 583 -12.20 16.84 0.69
N LEU A 584 -13.07 17.33 1.57
CA LEU A 584 -12.99 18.72 2.01
C LEU A 584 -12.05 18.96 3.19
N LYS A 585 -11.98 18.01 4.12
CA LYS A 585 -11.12 18.15 5.29
C LYS A 585 -10.26 16.92 5.60
N PHE A 586 -9.97 16.13 4.56
CA PHE A 586 -9.16 14.92 4.72
C PHE A 586 -7.76 15.23 5.26
N HIS A 587 -7.29 16.45 5.01
CA HIS A 587 -5.96 16.91 5.40
C HIS A 587 -5.83 17.43 6.84
N LYS A 588 -6.92 17.39 7.59
CA LYS A 588 -6.91 17.88 8.95
C LYS A 588 -6.58 16.77 9.94
N TYR A 589 -6.60 15.53 9.48
CA TYR A 589 -6.36 14.41 10.37
C TYR A 589 -5.09 13.61 10.11
N THR A 590 -4.50 13.10 11.19
CA THR A 590 -3.28 12.31 11.14
C THR A 590 -2.37 12.69 9.97
N ILE A 591 -2.06 11.72 9.13
CA ILE A 591 -1.16 11.93 8.01
C ILE A 591 -1.83 12.35 6.68
N GLY A 592 -3.03 12.92 6.77
CA GLY A 592 -3.72 13.34 5.56
C GLY A 592 -3.12 14.52 4.79
N HIS A 593 -2.33 15.37 5.44
CA HIS A 593 -1.76 16.49 4.72
C HIS A 593 -0.85 16.00 3.62
N ALA A 594 -0.23 14.86 3.86
CA ALA A 594 0.69 14.28 2.90
C ALA A 594 0.05 14.01 1.54
N TRP A 595 -1.26 13.84 1.50
CA TRP A 595 -1.93 13.53 0.23
C TRP A 595 -2.37 14.71 -0.62
N THR A 596 -2.12 15.93 -0.13
CA THR A 596 -2.53 17.12 -0.87
C THR A 596 -1.87 17.17 -2.24
N THR A 597 -0.74 16.49 -2.37
CA THR A 597 -0.01 16.48 -3.65
C THR A 597 -0.74 15.67 -4.75
N ASP A 598 -1.75 14.89 -4.37
CA ASP A 598 -2.50 14.08 -5.34
C ASP A 598 -3.94 14.62 -5.51
N TYR A 599 -4.51 15.20 -4.45
CA TYR A 599 -5.88 15.71 -4.47
C TYR A 599 -6.00 17.23 -4.47
N GLY A 600 -5.13 17.87 -3.70
CA GLY A 600 -5.16 19.31 -3.60
C GLY A 600 -5.56 19.64 -2.18
N CYS A 601 -5.89 20.89 -1.90
CA CYS A 601 -6.28 21.28 -0.57
C CYS A 601 -7.45 22.25 -0.58
N SER A 602 -8.52 21.90 0.11
CA SER A 602 -9.71 22.75 0.17
C SER A 602 -9.39 24.17 0.59
N ASP A 603 -8.31 24.34 1.34
CA ASP A 603 -7.91 25.67 1.81
C ASP A 603 -7.64 26.62 0.64
N SER A 604 -7.54 26.05 -0.56
CA SER A 604 -7.28 26.84 -1.76
C SER A 604 -8.54 26.95 -2.60
N LYS A 605 -8.91 28.18 -2.94
CA LYS A 605 -10.11 28.43 -3.74
C LYS A 605 -10.15 27.61 -5.03
N GLN A 606 -9.02 27.50 -5.71
CA GLN A 606 -8.93 26.76 -6.96
C GLN A 606 -9.12 25.25 -6.75
N HIS A 607 -8.47 24.72 -5.72
CA HIS A 607 -8.54 23.29 -5.43
C HIS A 607 -9.94 22.89 -5.04
N PHE A 608 -10.60 23.76 -4.28
CA PHE A 608 -11.96 23.51 -3.83
C PHE A 608 -12.89 23.14 -4.99
N GLU A 609 -12.76 23.86 -6.10
CA GLU A 609 -13.59 23.62 -7.27
C GLU A 609 -13.48 22.20 -7.85
N TRP A 610 -12.32 21.57 -7.68
CA TRP A 610 -12.13 20.20 -8.18
C TRP A 610 -12.73 19.23 -7.17
N LEU A 611 -12.37 19.44 -5.91
CA LEU A 611 -12.81 18.60 -4.81
C LEU A 611 -14.30 18.57 -4.54
N ILE A 612 -14.95 19.73 -4.55
CA ILE A 612 -16.39 19.75 -4.28
C ILE A 612 -17.19 19.04 -5.37
N LYS A 613 -16.58 18.89 -6.54
CA LYS A 613 -17.27 18.23 -7.64
C LYS A 613 -17.31 16.70 -7.49
N TYR A 614 -16.30 16.09 -6.90
CA TYR A 614 -16.32 14.63 -6.74
C TYR A 614 -16.31 14.09 -5.30
N SER A 615 -16.08 14.98 -4.33
CA SER A 615 -16.06 14.56 -2.94
C SER A 615 -17.28 13.69 -2.66
N PRO A 616 -17.05 12.41 -2.34
CA PRO A 616 -18.10 11.42 -2.06
C PRO A 616 -19.14 11.87 -1.02
N LEU A 617 -18.69 12.38 0.11
CA LEU A 617 -19.59 12.83 1.17
C LEU A 617 -20.56 13.92 0.74
N HIS A 618 -20.06 14.88 -0.04
CA HIS A 618 -20.84 16.02 -0.51
C HIS A 618 -21.44 15.87 -1.88
N ASN A 619 -21.61 14.64 -2.33
CA ASN A 619 -22.20 14.44 -3.64
C ASN A 619 -23.24 13.33 -3.69
N VAL A 620 -23.60 12.76 -2.55
CA VAL A 620 -24.63 11.71 -2.56
C VAL A 620 -25.93 12.36 -3.04
N LYS A 621 -26.61 11.68 -3.96
CA LYS A 621 -27.85 12.20 -4.51
C LYS A 621 -28.74 11.09 -5.05
N LEU A 622 -30.03 11.17 -4.75
CA LEU A 622 -31.02 10.19 -5.19
C LEU A 622 -31.16 10.25 -6.71
N PRO A 623 -31.05 9.10 -7.39
CA PRO A 623 -31.17 9.09 -8.85
C PRO A 623 -32.46 9.78 -9.27
N GLU A 624 -32.41 10.53 -10.36
CA GLU A 624 -33.58 11.23 -10.85
C GLU A 624 -34.59 10.24 -11.44
N ALA A 625 -34.07 9.26 -12.19
CA ALA A 625 -34.93 8.26 -12.78
C ALA A 625 -35.68 7.54 -11.68
N ASP A 626 -36.66 6.72 -12.05
CA ASP A 626 -37.45 5.98 -11.07
C ASP A 626 -37.10 4.49 -11.08
N ASP A 627 -36.52 4.04 -12.19
CA ASP A 627 -36.13 2.65 -12.34
C ASP A 627 -34.63 2.51 -12.05
N ILE A 628 -34.09 3.50 -11.36
CA ILE A 628 -32.67 3.51 -11.02
C ILE A 628 -32.46 3.86 -9.55
N GLN A 629 -31.67 3.05 -8.86
CA GLN A 629 -31.37 3.28 -7.45
C GLN A 629 -29.88 3.07 -7.21
N TYR A 630 -29.43 3.32 -5.99
CA TYR A 630 -28.03 3.15 -5.63
C TYR A 630 -27.67 1.68 -5.46
N PRO A 631 -26.48 1.29 -5.92
CA PRO A 631 -26.03 -0.10 -5.81
C PRO A 631 -25.85 -0.51 -4.35
N SER A 632 -26.11 -1.78 -4.05
CA SER A 632 -25.94 -2.28 -2.68
C SER A 632 -24.51 -1.95 -2.30
N MET A 633 -24.31 -1.25 -1.19
CA MET A 633 -22.96 -0.88 -0.77
C MET A 633 -22.56 -1.28 0.62
N LEU A 634 -21.34 -1.82 0.73
CA LEU A 634 -20.81 -2.24 2.02
C LEU A 634 -19.52 -1.49 2.27
N LEU A 635 -19.50 -0.68 3.33
CA LEU A 635 -18.31 0.10 3.71
C LEU A 635 -17.60 -0.69 4.80
N LEU A 636 -16.27 -0.71 4.73
CA LEU A 636 -15.45 -1.44 5.68
C LEU A 636 -14.37 -0.57 6.29
N THR A 637 -14.34 -0.48 7.61
CA THR A 637 -13.29 0.29 8.26
C THR A 637 -13.01 -0.31 9.63
N ALA A 638 -12.02 0.26 10.33
CA ALA A 638 -11.65 -0.23 11.66
C ALA A 638 -11.34 0.95 12.56
N ASP A 639 -11.55 0.78 13.86
CA ASP A 639 -11.33 1.86 14.82
C ASP A 639 -9.89 2.28 14.99
N HIS A 640 -8.94 1.40 14.70
CA HIS A 640 -7.52 1.77 14.86
C HIS A 640 -6.84 2.27 13.60
N ASP A 641 -7.61 2.43 12.53
CA ASP A 641 -7.05 2.89 11.27
C ASP A 641 -6.64 4.36 11.37
N ASP A 642 -5.40 4.61 11.77
CA ASP A 642 -4.94 5.99 11.89
C ASP A 642 -4.45 6.54 10.58
N ARG A 643 -4.53 5.74 9.52
CA ARG A 643 -4.11 6.19 8.20
C ARG A 643 -5.22 7.05 7.61
N VAL A 644 -6.38 6.42 7.41
CA VAL A 644 -7.55 7.10 6.89
C VAL A 644 -8.59 6.97 8.00
N VAL A 645 -8.58 7.93 8.93
CA VAL A 645 -9.49 7.89 10.07
C VAL A 645 -10.91 7.54 9.64
N PRO A 646 -11.50 6.52 10.28
CA PRO A 646 -12.86 6.03 10.00
C PRO A 646 -13.97 7.07 10.07
N LEU A 647 -13.65 8.30 10.44
CA LEU A 647 -14.68 9.32 10.51
C LEU A 647 -15.16 9.58 9.08
N HIS A 648 -14.35 9.13 8.13
CA HIS A 648 -14.65 9.29 6.71
C HIS A 648 -15.80 8.37 6.31
N SER A 649 -15.76 7.12 6.81
CA SER A 649 -16.79 6.14 6.48
C SER A 649 -18.09 6.33 7.23
N LEU A 650 -17.98 6.83 8.46
CA LEU A 650 -19.13 7.06 9.31
C LEU A 650 -20.00 8.17 8.74
N LYS A 651 -19.41 9.35 8.54
CA LYS A 651 -20.17 10.48 8.00
C LYS A 651 -20.71 10.18 6.62
N PHE A 652 -20.13 9.18 5.97
CA PHE A 652 -20.56 8.82 4.63
C PHE A 652 -21.65 7.77 4.61
N ILE A 653 -21.71 6.95 5.64
CA ILE A 653 -22.73 5.93 5.70
C ILE A 653 -24.01 6.60 6.22
N ALA A 654 -23.83 7.57 7.09
CA ALA A 654 -24.96 8.31 7.66
C ALA A 654 -25.70 9.05 6.56
N THR A 655 -24.92 9.60 5.62
CA THR A 655 -25.43 10.35 4.49
C THR A 655 -26.09 9.44 3.46
N LEU A 656 -25.47 8.29 3.20
CA LEU A 656 -26.00 7.35 2.24
C LEU A 656 -27.34 6.80 2.70
N GLN A 657 -27.46 6.57 4.00
CA GLN A 657 -28.68 6.03 4.56
C GLN A 657 -29.78 7.08 4.63
N TYR A 658 -29.40 8.32 4.92
CA TYR A 658 -30.37 9.39 5.02
C TYR A 658 -30.91 9.90 3.69
N ILE A 659 -30.01 10.28 2.79
CA ILE A 659 -30.40 10.81 1.50
C ILE A 659 -31.03 9.80 0.58
N VAL A 660 -30.38 8.64 0.50
CA VAL A 660 -30.81 7.54 -0.35
C VAL A 660 -31.57 6.47 0.40
N GLY A 661 -30.95 5.94 1.45
CA GLY A 661 -31.57 4.89 2.23
C GLY A 661 -33.03 5.10 2.58
N ARG A 662 -33.44 6.36 2.74
CA ARG A 662 -34.82 6.69 3.10
C ARG A 662 -35.85 6.57 1.98
N SER A 663 -35.42 6.72 0.73
CA SER A 663 -36.35 6.64 -0.39
C SER A 663 -37.03 5.27 -0.38
N ARG A 664 -38.16 5.16 -1.05
CA ARG A 664 -38.87 3.88 -1.10
C ARG A 664 -38.44 3.03 -2.28
N LYS A 665 -37.87 3.66 -3.30
CA LYS A 665 -37.41 2.94 -4.48
C LYS A 665 -36.08 2.25 -4.22
N GLN A 666 -35.46 2.59 -3.09
CA GLN A 666 -34.17 2.01 -2.70
C GLN A 666 -34.37 0.73 -1.89
N ASN A 667 -33.94 -0.39 -2.46
CA ASN A 667 -34.05 -1.68 -1.78
C ASN A 667 -32.67 -2.16 -1.35
N ASN A 668 -31.67 -1.95 -2.21
CA ASN A 668 -30.30 -2.37 -1.93
C ASN A 668 -29.79 -1.80 -0.61
N PRO A 669 -29.22 -2.65 0.25
CA PRO A 669 -28.71 -2.19 1.53
C PRO A 669 -27.47 -1.30 1.45
N LEU A 670 -27.44 -0.31 2.34
CA LEU A 670 -26.34 0.62 2.46
C LEU A 670 -25.79 0.33 3.85
N LEU A 671 -24.79 -0.56 3.92
CA LEU A 671 -24.22 -0.96 5.21
C LEU A 671 -22.76 -0.60 5.46
N ILE A 672 -22.36 -0.68 6.72
CA ILE A 672 -20.98 -0.40 7.11
C ILE A 672 -20.54 -1.35 8.24
N HIS A 673 -19.27 -1.74 8.22
CA HIS A 673 -18.72 -2.64 9.23
C HIS A 673 -17.46 -2.07 9.87
N VAL A 674 -17.54 -1.72 11.15
CA VAL A 674 -16.37 -1.19 11.84
C VAL A 674 -15.73 -2.26 12.72
N ASP A 675 -14.66 -2.84 12.21
CA ASP A 675 -13.93 -3.89 12.92
C ASP A 675 -13.15 -3.34 14.10
N THR A 676 -12.97 -4.16 15.13
CA THR A 676 -12.24 -3.74 16.30
C THR A 676 -10.82 -4.30 16.29
N LYS A 677 -9.87 -3.53 16.83
CA LYS A 677 -8.48 -3.97 16.88
C LYS A 677 -7.84 -4.15 15.51
N ALA A 678 -8.28 -3.38 14.53
CA ALA A 678 -7.72 -3.47 13.20
C ALA A 678 -7.38 -2.06 12.75
N GLY A 679 -6.53 -1.95 11.74
CA GLY A 679 -6.16 -0.63 11.28
C GLY A 679 -6.33 -0.54 9.79
N HIS A 680 -5.47 0.23 9.15
CA HIS A 680 -5.55 0.41 7.73
C HIS A 680 -5.47 -0.88 6.92
N GLY A 681 -4.74 -1.87 7.41
CA GLY A 681 -4.65 -3.12 6.68
C GLY A 681 -3.36 -3.90 6.85
N ALA A 682 -2.23 -3.19 6.91
CA ALA A 682 -0.95 -3.86 7.06
C ALA A 682 -0.91 -4.55 8.41
N GLY A 683 -0.33 -5.74 8.46
CA GLY A 683 -0.22 -6.47 9.70
C GLY A 683 -1.49 -7.18 10.16
N LYS A 684 -2.53 -7.18 9.33
CA LYS A 684 -3.79 -7.85 9.70
C LYS A 684 -3.52 -9.34 9.83
N PRO A 685 -3.88 -9.95 10.97
CA PRO A 685 -3.67 -11.37 11.20
C PRO A 685 -4.48 -12.24 10.24
N THR A 686 -3.98 -13.42 9.94
CA THR A 686 -4.70 -14.31 9.03
C THR A 686 -6.16 -14.43 9.43
N ALA A 687 -6.43 -14.72 10.70
CA ALA A 687 -7.80 -14.86 11.17
C ALA A 687 -8.71 -13.77 10.63
N LYS A 688 -8.38 -12.52 10.93
CA LYS A 688 -9.18 -11.38 10.48
C LYS A 688 -9.28 -11.28 8.96
N VAL A 689 -8.24 -11.68 8.26
CA VAL A 689 -8.26 -11.61 6.80
C VAL A 689 -9.32 -12.55 6.26
N ILE A 690 -9.39 -13.75 6.84
CA ILE A 690 -10.36 -14.73 6.39
C ILE A 690 -11.77 -14.26 6.75
N GLU A 691 -11.90 -13.59 7.90
CA GLU A 691 -13.20 -13.09 8.31
C GLU A 691 -13.64 -12.02 7.33
N GLU A 692 -12.74 -11.09 7.04
CA GLU A 692 -13.04 -10.00 6.13
C GLU A 692 -13.49 -10.44 4.73
N VAL A 693 -12.64 -11.17 4.02
CA VAL A 693 -13.00 -11.60 2.68
C VAL A 693 -14.31 -12.37 2.61
N SER A 694 -14.55 -13.22 3.61
CA SER A 694 -15.78 -14.02 3.68
C SER A 694 -17.01 -13.12 3.88
N ASP A 695 -16.77 -11.90 4.32
CA ASP A 695 -17.82 -10.93 4.56
C ASP A 695 -18.16 -10.21 3.26
N MET A 696 -17.13 -9.85 2.51
CA MET A 696 -17.33 -9.15 1.24
C MET A 696 -18.04 -10.03 0.22
N PHE A 697 -17.58 -11.26 0.06
CA PHE A 697 -18.19 -12.16 -0.91
C PHE A 697 -19.54 -12.70 -0.48
N ALA A 698 -19.81 -12.63 0.82
CA ALA A 698 -21.09 -13.07 1.33
C ALA A 698 -22.02 -11.95 0.89
N PHE A 699 -21.68 -10.73 1.30
CA PHE A 699 -22.46 -9.55 0.93
C PHE A 699 -22.80 -9.60 -0.56
N ILE A 700 -21.78 -9.83 -1.38
CA ILE A 700 -21.96 -9.90 -2.83
C ILE A 700 -22.89 -11.03 -3.23
N ALA A 701 -22.71 -12.19 -2.61
CA ALA A 701 -23.54 -13.35 -2.89
C ALA A 701 -24.98 -13.03 -2.55
N ARG A 702 -25.23 -12.76 -1.28
CA ARG A 702 -26.56 -12.45 -0.80
C ARG A 702 -27.19 -11.25 -1.49
N CYS A 703 -26.37 -10.31 -1.95
CA CYS A 703 -26.89 -9.10 -2.60
C CYS A 703 -27.26 -9.30 -4.06
N LEU A 704 -26.53 -10.16 -4.78
CA LEU A 704 -26.81 -10.42 -6.18
C LEU A 704 -27.54 -11.75 -6.34
N ASN A 705 -27.73 -12.44 -5.22
CA ASN A 705 -28.43 -13.71 -5.18
C ASN A 705 -27.78 -14.84 -5.96
N ILE A 706 -26.45 -14.84 -6.04
CA ILE A 706 -25.73 -15.88 -6.77
C ILE A 706 -25.64 -17.17 -5.97
N ASP A 707 -25.60 -18.29 -6.68
CA ASP A 707 -25.52 -19.60 -6.04
C ASP A 707 -24.08 -20.08 -5.91
N TRP A 708 -23.87 -21.05 -5.03
CA TRP A 708 -22.54 -21.61 -4.82
C TRP A 708 -22.35 -22.74 -5.80
N ILE A 709 -21.11 -22.94 -6.23
CA ILE A 709 -20.79 -24.00 -7.17
C ILE A 709 -19.77 -24.93 -6.54
N PRO A 710 -20.24 -26.01 -5.90
CA PRO A 710 -19.34 -26.97 -5.26
C PRO A 710 -18.24 -27.48 -6.19
#